data_3AVU
#
_entry.id   3AVU
#
_cell.length_a   139.000
_cell.length_b   255.470
_cell.length_c   101.110
_cell.angle_alpha   90.00
_cell.angle_beta   90.00
_cell.angle_gamma   90.00
#
_symmetry.space_group_name_H-M   'C 2 2 21'
#
loop_
_entity.id
_entity.type
_entity.pdbx_description
1 polymer 'Elongation factor Ts, Elongation factor Tu, LINKER, Q beta replicase'
2 polymer "RNA (5'-R(*GP*GP*GP*UP*CP*CP*A)-3')"
3 polymer "RNA (5'-R(*AP*UP*CP*GP*UP*GP*GP*AP*CP*CP*CP*A)-3')"
4 non-polymer 'CALCIUM ION'
5 water water
#
loop_
_entity_poly.entity_id
_entity_poly.type
_entity_poly.pdbx_seq_one_letter_code
_entity_poly.pdbx_strand_id
1 'polypeptide(L)'
;MAEITASLVKELRERTGAGMMDCKKALTEANGDIELAIENMRKSGAIKAAKKAGNVAADGVIKTKIDGNYGIILEVNCQT
DFVAKDAGFQAFADKVLDAAVAGKITDVEVLKAQFEEERVALVAKIGENINIRRVAALEGDVLGSYQHGARIGVLVAAKG
ADEELVKHIAMHVAASKPEFIKPEDVSAEVVEKEYQVQLDIAMQSGKPKEIAEKMVEGRMKKFTGEVSLTGQPFVMEPSK
TVGQLLKEHNAEVTGFIRFEVGEGIEKVETDFAAEVAAMSKQSHMSKEKFERTKPHVNVGTIGHVDHGKTTLTAAITTVL
AKTYGGAARAFDQIDNAPEEKARGITINTSHVEYDTPTRHYAHVDCPGHADYVKNMITGAAQMDGAILVVAATDGPMPQT
REHILLGRQVGVPYIIVFLNKCDMVDDEELLELVEMEVRELLSQYDFPGDDTPIVRGSALKALEGDAEWEAKILELAGFL
DSYIPEPERAIDKPFLLPIEDVFSISGRGTVVTGRVERGIIKVGEEVEIVGIKETQKSTCTGVEMFRKLLDEGRAGENVG
VLLRGIKREEIERGQVLAKPGTIKPHTKFESEVYILSKDEGGRHTPFFKGYRPQFYFRTTDVTGTIELPEGVEMVMPGDN
IKMVVTLIHPIAMDDGLRFAIREGGRTVGAGVVAKVLSGASGAAGGGGSGGGGSMSKTASSRNSLSAQLRRAANTRIEVE
GNLALSIANDLLLAYGQSPFNSEAECISFSPRFDGTPDDFRINYLKAEIMSKYDDFSLGIDTEAVAWEKFLAAEAECALT
NARLYRPDYSEDFNFSLGESCIHMARRKIAKLIGDVPSVEGMLRHCRFSGGATTTNNRSYGHPSFKFALPQACTPRALKY
VLALRASTHFDIRISDISPFNKAVTVPKNSKTDRCIAIEPGWNMFFQLGIGGILRDRLRCWGIDLNDQTINQRRAHEGSV
TNNLATVDLSAASDSISLALCELLLPPGWFEVLMDLRSPKGRLPDGSVVTYEKISSMGNGYTFELESLIFASLARSVCEI
LDLDSSEVTVYGDDIILPSCAVPALREVFKYVGFTTNTKKTFSEGPFRESCGKHYYSGVDVTPFYIRHRIVSPADLILVL
NNLYRWATIDGVWDPRAHSVYLKYRKLLPKQLQRNTIPDGYGDGALVGSVLINPFAKNRGWIRYVPVITDHTRDRERAEL
GSYLYDLFSRCLSESNDGLPLRGPSGCDSADLFAIDQLICRSNPTKISRSTGKFDIQYIACSSRVLAPYGVFQGTKVASL
HEAHHHHHH
;
A
2 'polyribonucleotide' GGGUCCA G
3 'polyribonucleotide' AUCGUGGACCCA T
#
loop_
_chem_comp.id
_chem_comp.type
_chem_comp.name
_chem_comp.formula
A RNA linking ADENOSINE-5'-MONOPHOSPHATE 'C10 H14 N5 O7 P'
C RNA linking CYTIDINE-5'-MONOPHOSPHATE 'C9 H14 N3 O8 P'
CA non-polymer 'CALCIUM ION' 'Ca 2'
G RNA linking GUANOSINE-5'-MONOPHOSPHATE 'C10 H14 N5 O8 P'
U RNA linking URIDINE-5'-MONOPHOSPHATE 'C9 H13 N2 O9 P'
#
# COMPACT_ATOMS: atom_id res chain seq x y z
N ALA A 2 -27.60 44.04 -28.90
CA ALA A 2 -28.94 43.61 -28.47
C ALA A 2 -29.87 43.55 -29.67
N GLU A 3 -30.88 42.69 -29.61
CA GLU A 3 -31.84 42.51 -30.69
C GLU A 3 -33.28 42.61 -30.15
N ILE A 4 -33.68 41.57 -29.42
CA ILE A 4 -35.00 41.52 -28.77
C ILE A 4 -34.89 41.96 -27.31
N THR A 5 -36.00 42.42 -26.75
CA THR A 5 -36.05 42.82 -25.34
C THR A 5 -35.68 41.67 -24.41
N ALA A 6 -34.72 41.90 -23.53
CA ALA A 6 -34.21 40.87 -22.64
C ALA A 6 -35.14 40.62 -21.45
N SER A 7 -35.80 41.68 -20.98
CA SER A 7 -36.64 41.62 -19.78
C SER A 7 -37.69 40.51 -19.83
N LEU A 8 -38.30 40.30 -20.98
CA LEU A 8 -39.23 39.20 -21.17
C LEU A 8 -38.57 38.10 -22.02
N VAL A 9 -37.31 37.81 -21.70
CA VAL A 9 -36.61 36.63 -22.19
C VAL A 9 -36.40 35.73 -20.99
N LYS A 10 -36.02 36.34 -19.88
CA LYS A 10 -35.91 35.63 -18.61
C LYS A 10 -37.28 35.07 -18.27
N GLU A 11 -38.29 35.54 -18.99
CA GLU A 11 -39.64 35.00 -18.84
C GLU A 11 -39.78 33.76 -19.71
N LEU A 12 -39.26 33.83 -20.93
CA LEU A 12 -39.25 32.68 -21.83
C LEU A 12 -38.42 31.56 -21.21
N ARG A 13 -37.42 31.96 -20.46
CA ARG A 13 -36.52 31.02 -19.81
C ARG A 13 -37.10 30.45 -18.52
N GLU A 14 -37.44 31.30 -17.57
CA GLU A 14 -37.91 30.80 -16.27
C GLU A 14 -39.17 29.94 -16.43
N ARG A 15 -39.74 29.91 -17.64
CA ARG A 15 -40.89 29.06 -17.94
C ARG A 15 -40.47 27.67 -18.41
N THR A 16 -39.29 27.62 -19.03
CA THR A 16 -38.67 26.37 -19.48
C THR A 16 -37.55 25.93 -18.52
N GLY A 17 -36.38 26.50 -18.75
CA GLY A 17 -35.14 26.13 -18.10
C GLY A 17 -34.06 26.11 -19.16
N ALA A 18 -34.43 26.54 -20.37
CA ALA A 18 -33.55 26.52 -21.52
C ALA A 18 -32.42 27.54 -21.38
N GLY A 19 -31.33 27.32 -22.12
CA GLY A 19 -30.19 28.22 -22.08
C GLY A 19 -30.53 29.62 -22.54
N MET A 20 -29.91 30.61 -21.93
CA MET A 20 -30.18 32.01 -22.24
C MET A 20 -30.15 32.29 -23.75
N MET A 21 -28.98 32.17 -24.36
CA MET A 21 -28.79 32.41 -25.79
C MET A 21 -29.52 31.38 -26.64
N ASP A 22 -29.69 30.18 -26.10
CA ASP A 22 -30.48 29.16 -26.76
C ASP A 22 -31.97 29.52 -26.63
N CYS A 23 -32.24 30.52 -25.80
CA CYS A 23 -33.60 30.94 -25.48
C CYS A 23 -33.89 32.31 -26.07
N LYS A 24 -32.84 33.02 -26.45
CA LYS A 24 -32.98 34.36 -27.01
C LYS A 24 -33.03 34.32 -28.54
N LYS A 25 -32.16 33.50 -29.14
CA LYS A 25 -32.16 33.37 -30.59
C LYS A 25 -33.36 32.56 -31.08
N ALA A 26 -34.17 32.07 -30.14
CA ALA A 26 -35.40 31.36 -30.45
C ALA A 26 -36.59 32.26 -30.16
N LEU A 27 -36.31 33.44 -29.63
CA LEU A 27 -37.32 34.46 -29.41
C LEU A 27 -37.07 35.53 -30.48
N THR A 28 -35.93 35.39 -31.16
CA THR A 28 -35.57 36.27 -32.25
C THR A 28 -36.07 35.65 -33.56
N GLU A 29 -36.94 34.66 -33.43
CA GLU A 29 -37.57 33.99 -34.57
C GLU A 29 -39.01 33.63 -34.23
N ALA A 30 -39.65 34.53 -33.49
CA ALA A 30 -41.06 34.45 -33.16
C ALA A 30 -41.58 35.88 -32.97
N ASN A 31 -40.71 36.85 -33.28
CA ASN A 31 -41.03 38.27 -33.20
C ASN A 31 -41.27 38.79 -31.79
N GLY A 32 -41.05 37.92 -30.81
CA GLY A 32 -41.42 38.21 -29.43
C GLY A 32 -42.68 37.41 -29.11
N ASP A 33 -42.67 36.14 -29.51
CA ASP A 33 -43.83 35.30 -29.29
C ASP A 33 -43.58 34.26 -28.21
N ILE A 34 -44.25 34.44 -27.07
CA ILE A 34 -44.15 33.53 -25.94
C ILE A 34 -44.40 32.08 -26.34
N GLU A 35 -45.68 31.69 -26.36
CA GLU A 35 -46.04 30.28 -26.58
C GLU A 35 -45.56 29.70 -27.92
N LEU A 36 -45.05 30.54 -28.82
CA LEU A 36 -44.46 30.04 -30.07
C LEU A 36 -42.97 29.77 -29.93
N ALA A 37 -42.25 30.76 -29.38
CA ALA A 37 -40.81 30.64 -29.17
C ALA A 37 -40.50 29.34 -28.45
N ILE A 38 -41.40 28.91 -27.57
CA ILE A 38 -41.23 27.68 -26.82
C ILE A 38 -41.37 26.45 -27.69
N GLU A 39 -42.20 26.57 -28.72
CA GLU A 39 -42.50 25.43 -29.61
C GLU A 39 -41.39 25.23 -30.63
N ASN A 40 -40.72 26.31 -31.00
CA ASN A 40 -39.52 26.19 -31.81
C ASN A 40 -38.52 25.38 -31.01
N MET A 41 -38.52 25.62 -29.69
CA MET A 41 -37.60 24.95 -28.80
C MET A 41 -37.99 23.49 -28.59
N ARG A 42 -39.27 23.25 -28.31
CA ARG A 42 -39.73 21.88 -28.08
C ARG A 42 -39.25 20.96 -29.20
N LYS A 43 -39.63 21.30 -30.43
CA LYS A 43 -39.32 20.46 -31.59
C LYS A 43 -37.88 20.64 -32.08
N SER A 44 -37.05 21.30 -31.28
CA SER A 44 -35.65 21.51 -31.64
C SER A 44 -34.72 20.98 -30.55
N GLY A 45 -35.29 20.70 -29.38
CA GLY A 45 -34.53 20.23 -28.24
C GLY A 45 -34.11 18.79 -28.41
N ALA A 46 -34.75 18.10 -29.33
CA ALA A 46 -34.42 16.72 -29.64
C ALA A 46 -33.22 16.62 -30.59
N ILE A 47 -32.89 17.72 -31.26
CA ILE A 47 -31.69 17.75 -32.09
C ILE A 47 -30.47 17.92 -31.17
N LYS A 48 -30.76 18.17 -29.91
CA LYS A 48 -29.74 18.31 -28.86
C LYS A 48 -29.51 16.95 -28.24
N ALA A 49 -30.54 16.47 -27.56
CA ALA A 49 -30.53 15.17 -26.88
C ALA A 49 -30.16 14.03 -27.83
N ALA A 50 -30.28 14.27 -29.14
CA ALA A 50 -29.91 13.28 -30.13
C ALA A 50 -28.40 13.23 -30.31
N LYS A 51 -27.76 14.40 -30.33
CA LYS A 51 -26.30 14.45 -30.33
C LYS A 51 -25.79 14.37 -28.89
N LYS A 52 -26.33 13.40 -28.17
CA LYS A 52 -25.98 13.15 -26.78
C LYS A 52 -25.46 11.72 -26.64
N ALA A 53 -25.78 10.87 -27.60
CA ALA A 53 -25.28 9.51 -27.61
C ALA A 53 -23.75 9.52 -27.62
N GLY A 54 -23.17 10.69 -27.90
CA GLY A 54 -21.73 10.86 -27.97
C GLY A 54 -21.11 11.13 -26.61
N ASN A 55 -21.99 11.23 -25.61
CA ASN A 55 -21.60 11.36 -24.22
C ASN A 55 -21.93 10.08 -23.46
N VAL A 56 -20.91 9.44 -22.90
CA VAL A 56 -21.13 8.25 -22.07
C VAL A 56 -21.90 8.60 -20.81
N ALA A 57 -23.00 7.88 -20.56
CA ALA A 57 -23.76 8.07 -19.33
C ALA A 57 -23.55 6.90 -18.37
N ALA A 58 -22.50 6.98 -17.56
CA ALA A 58 -22.14 5.85 -16.70
C ALA A 58 -22.35 6.14 -15.21
N ASP A 59 -22.84 7.34 -14.91
CA ASP A 59 -23.31 7.64 -13.57
C ASP A 59 -24.83 7.67 -13.64
N GLY A 60 -25.49 7.86 -12.50
CA GLY A 60 -26.95 7.84 -12.44
C GLY A 60 -27.44 7.37 -11.09
N VAL A 61 -28.70 6.92 -11.01
CA VAL A 61 -29.23 6.40 -9.74
C VAL A 61 -30.06 5.13 -9.94
N ILE A 62 -30.45 4.51 -8.82
CA ILE A 62 -31.31 3.32 -8.82
C ILE A 62 -32.48 3.46 -7.86
N LYS A 63 -33.64 2.94 -8.23
CA LYS A 63 -34.87 3.08 -7.43
C LYS A 63 -35.66 1.77 -7.29
N THR A 64 -36.45 1.68 -6.22
CA THR A 64 -37.23 0.48 -5.93
C THR A 64 -38.57 0.79 -5.27
N LYS A 65 -39.64 0.19 -5.79
CA LYS A 65 -41.00 0.36 -5.23
C LYS A 65 -41.66 -0.98 -4.85
N ILE A 66 -42.47 -0.95 -3.79
CA ILE A 66 -43.01 -2.16 -3.16
C ILE A 66 -44.54 -2.15 -2.96
N ASP A 67 -45.25 -2.81 -3.89
CA ASP A 67 -46.72 -2.90 -3.92
C ASP A 67 -47.22 -4.17 -3.23
N GLY A 68 -47.42 -4.11 -1.91
CA GLY A 68 -47.75 -5.28 -1.13
C GLY A 68 -46.72 -6.38 -1.33
N ASN A 69 -46.78 -7.05 -2.47
CA ASN A 69 -45.78 -8.06 -2.84
C ASN A 69 -45.48 -8.12 -4.35
N TYR A 70 -45.68 -6.99 -5.02
CA TYR A 70 -45.15 -6.77 -6.37
C TYR A 70 -44.09 -5.68 -6.29
N GLY A 71 -42.85 -6.00 -6.64
CA GLY A 71 -41.77 -5.03 -6.52
C GLY A 71 -41.03 -4.74 -7.83
N ILE A 72 -40.56 -3.49 -7.96
CA ILE A 72 -39.85 -3.07 -9.17
C ILE A 72 -38.57 -2.25 -8.89
N ILE A 73 -37.50 -2.62 -9.58
CA ILE A 73 -36.21 -1.94 -9.48
C ILE A 73 -35.83 -1.25 -10.80
N LEU A 74 -35.62 0.06 -10.73
CA LEU A 74 -35.30 0.86 -11.91
C LEU A 74 -33.87 1.46 -11.87
N GLU A 75 -33.19 1.47 -13.00
CA GLU A 75 -31.88 2.11 -13.06
C GLU A 75 -31.75 3.05 -14.26
N VAL A 76 -32.09 4.32 -14.04
CA VAL A 76 -31.90 5.37 -15.04
C VAL A 76 -30.59 6.09 -14.76
N ASN A 77 -29.70 6.13 -15.74
CA ASN A 77 -28.44 6.79 -15.52
C ASN A 77 -28.21 8.05 -16.36
N CYS A 78 -27.37 8.94 -15.84
CA CYS A 78 -26.89 10.13 -16.52
C CYS A 78 -25.39 10.04 -16.63
N GLN A 79 -24.69 11.17 -16.51
CA GLN A 79 -23.25 11.13 -16.62
C GLN A 79 -22.51 11.97 -15.59
N THR A 80 -23.23 12.50 -14.61
CA THR A 80 -22.56 13.17 -13.50
C THR A 80 -23.16 12.92 -12.12
N ASP A 81 -22.29 12.83 -11.12
CA ASP A 81 -22.70 12.75 -9.73
C ASP A 81 -23.78 13.79 -9.39
N PHE A 82 -23.51 15.04 -9.73
CA PHE A 82 -24.33 16.18 -9.32
C PHE A 82 -25.74 16.19 -9.90
N VAL A 83 -25.87 15.61 -11.10
CA VAL A 83 -27.17 15.48 -11.75
C VAL A 83 -28.01 14.42 -11.06
N ALA A 84 -27.40 13.26 -10.82
CA ALA A 84 -28.08 12.15 -10.15
C ALA A 84 -28.55 12.48 -8.72
N LYS A 85 -28.00 13.53 -8.12
CA LYS A 85 -28.44 13.93 -6.78
C LYS A 85 -29.17 15.25 -6.84
N ASP A 86 -29.60 15.59 -8.06
CA ASP A 86 -30.28 16.84 -8.36
C ASP A 86 -31.69 16.92 -7.76
N ALA A 87 -32.33 18.06 -7.99
CA ALA A 87 -33.72 18.24 -7.61
C ALA A 87 -34.62 17.61 -8.68
N GLY A 88 -34.40 18.02 -9.93
CA GLY A 88 -35.28 17.67 -11.02
C GLY A 88 -35.03 16.31 -11.61
N PHE A 89 -33.81 15.79 -11.48
CA PHE A 89 -33.48 14.46 -12.00
C PHE A 89 -34.16 13.39 -11.14
N GLN A 90 -34.30 13.67 -9.85
CA GLN A 90 -35.07 12.79 -8.99
C GLN A 90 -36.51 12.79 -9.46
N ALA A 91 -37.06 13.98 -9.71
CA ALA A 91 -38.45 14.14 -10.12
C ALA A 91 -38.85 13.29 -11.33
N PHE A 92 -37.92 13.13 -12.28
CA PHE A 92 -38.18 12.38 -13.51
C PHE A 92 -38.16 10.88 -13.24
N ALA A 93 -37.32 10.46 -12.29
CA ALA A 93 -37.18 9.04 -11.98
C ALA A 93 -38.07 8.59 -10.82
N ASP A 94 -38.52 9.53 -9.99
CA ASP A 94 -39.60 9.27 -9.04
C ASP A 94 -40.86 9.07 -9.85
N LYS A 95 -41.00 9.90 -10.87
CA LYS A 95 -42.12 9.81 -11.80
C LYS A 95 -42.07 8.49 -12.57
N VAL A 96 -40.99 8.27 -13.33
CA VAL A 96 -40.89 7.06 -14.17
C VAL A 96 -40.82 5.74 -13.37
N LEU A 97 -40.76 5.86 -12.06
CA LEU A 97 -40.77 4.69 -11.19
C LEU A 97 -42.21 4.36 -10.81
N ASP A 98 -43.06 5.38 -10.80
CA ASP A 98 -44.49 5.20 -10.50
C ASP A 98 -45.30 4.83 -11.75
N ALA A 99 -44.71 5.06 -12.92
CA ALA A 99 -45.27 4.58 -14.16
C ALA A 99 -44.97 3.09 -14.28
N ALA A 100 -44.08 2.62 -13.42
CA ALA A 100 -43.74 1.21 -13.38
C ALA A 100 -44.58 0.48 -12.34
N VAL A 101 -44.80 1.10 -11.19
CA VAL A 101 -45.63 0.48 -10.14
C VAL A 101 -47.01 0.16 -10.70
N ALA A 102 -47.91 1.14 -10.60
CA ALA A 102 -49.27 1.00 -11.10
C ALA A 102 -49.28 0.25 -12.41
N GLY A 103 -49.01 0.97 -13.49
CA GLY A 103 -48.82 0.38 -14.80
C GLY A 103 -47.60 -0.52 -14.78
N LYS A 104 -47.75 -1.69 -14.19
CA LYS A 104 -46.66 -2.67 -14.08
C LYS A 104 -45.98 -2.95 -15.42
N ILE A 105 -44.79 -2.38 -15.58
CA ILE A 105 -44.00 -2.53 -16.79
C ILE A 105 -42.71 -3.33 -16.47
N THR A 106 -42.50 -4.43 -17.19
CA THR A 106 -41.27 -5.22 -17.06
C THR A 106 -40.57 -5.33 -18.40
N ASP A 107 -41.07 -4.57 -19.38
CA ASP A 107 -40.33 -4.35 -20.60
C ASP A 107 -39.69 -2.98 -20.43
N VAL A 108 -38.51 -2.79 -21.01
CA VAL A 108 -37.79 -1.53 -20.85
C VAL A 108 -38.15 -0.52 -21.94
N GLU A 109 -38.47 -1.01 -23.12
CA GLU A 109 -38.79 -0.15 -24.27
C GLU A 109 -40.10 0.59 -24.07
N VAL A 110 -41.00 -0.02 -23.30
CA VAL A 110 -42.32 0.54 -23.03
C VAL A 110 -42.26 1.97 -22.47
N LEU A 111 -41.53 2.15 -21.38
CA LEU A 111 -41.47 3.46 -20.74
C LEU A 111 -40.36 4.32 -21.31
N LYS A 112 -39.40 3.68 -21.97
CA LYS A 112 -38.34 4.41 -22.66
C LYS A 112 -38.93 5.19 -23.85
N ALA A 113 -40.23 5.03 -24.07
CA ALA A 113 -40.93 5.79 -25.11
C ALA A 113 -42.10 6.60 -24.50
N GLN A 114 -42.85 5.97 -23.61
CA GLN A 114 -43.95 6.63 -22.91
C GLN A 114 -43.50 7.98 -22.33
N PHE A 115 -42.20 8.08 -22.05
CA PHE A 115 -41.60 9.28 -21.45
C PHE A 115 -40.71 10.03 -22.43
N GLU A 116 -40.28 9.34 -23.50
CA GLU A 116 -39.30 9.86 -24.47
C GLU A 116 -39.38 11.36 -24.77
N GLU A 117 -40.51 11.98 -24.46
CA GLU A 117 -40.60 13.43 -24.56
C GLU A 117 -39.86 14.09 -23.40
N GLU A 118 -40.40 13.89 -22.19
CA GLU A 118 -39.85 14.52 -21.00
C GLU A 118 -38.36 14.33 -20.92
N ARG A 119 -37.89 13.20 -21.43
CA ARG A 119 -36.47 12.89 -21.41
C ARG A 119 -35.65 13.92 -22.18
N VAL A 120 -36.19 14.38 -23.31
CA VAL A 120 -35.51 15.36 -24.15
C VAL A 120 -35.84 16.79 -23.71
N ALA A 121 -37.06 16.99 -23.25
CA ALA A 121 -37.45 18.26 -22.65
C ALA A 121 -36.64 18.50 -21.37
N LEU A 122 -35.91 17.47 -20.94
CA LEU A 122 -35.12 17.54 -19.71
C LEU A 122 -33.68 17.90 -20.01
N VAL A 123 -33.02 17.09 -20.83
CA VAL A 123 -31.63 17.35 -21.20
C VAL A 123 -31.43 18.76 -21.75
N ALA A 124 -32.41 19.26 -22.50
CA ALA A 124 -32.33 20.63 -22.98
C ALA A 124 -32.22 21.53 -21.76
N LYS A 125 -32.88 21.09 -20.70
CA LYS A 125 -32.87 21.82 -19.44
C LYS A 125 -31.54 21.61 -18.70
N ILE A 126 -31.02 20.38 -18.71
CA ILE A 126 -29.79 20.03 -17.96
C ILE A 126 -28.49 20.02 -18.76
N GLY A 127 -28.44 19.18 -19.79
CA GLY A 127 -27.29 19.10 -20.67
C GLY A 127 -26.37 17.91 -20.42
N GLU A 128 -26.95 16.74 -20.18
CA GLU A 128 -26.19 15.49 -20.01
C GLU A 128 -27.00 14.30 -20.52
N ASN A 129 -26.34 13.37 -21.21
CA ASN A 129 -27.07 12.29 -21.85
C ASN A 129 -27.77 11.36 -20.88
N ILE A 130 -29.01 11.70 -20.49
CA ILE A 130 -29.73 10.86 -19.54
C ILE A 130 -30.73 9.95 -20.23
N ASN A 131 -30.41 8.66 -20.26
CA ASN A 131 -31.33 7.64 -20.76
C ASN A 131 -31.75 6.71 -19.64
N ILE A 132 -32.99 6.27 -19.67
CA ILE A 132 -33.39 5.16 -18.82
C ILE A 132 -32.67 3.92 -19.33
N ARG A 133 -32.16 3.12 -18.41
CA ARG A 133 -31.18 2.11 -18.79
C ARG A 133 -31.72 0.70 -18.77
N ARG A 134 -32.51 0.38 -17.75
CA ARG A 134 -33.10 -0.94 -17.64
C ARG A 134 -34.09 -1.02 -16.48
N VAL A 135 -35.01 -1.97 -16.59
CA VAL A 135 -36.00 -2.21 -15.57
C VAL A 135 -36.40 -3.67 -15.62
N ALA A 136 -36.79 -4.18 -14.47
CA ALA A 136 -37.30 -5.52 -14.35
C ALA A 136 -37.98 -5.61 -12.99
N ALA A 137 -38.90 -6.57 -12.84
CA ALA A 137 -39.64 -6.73 -11.59
C ALA A 137 -39.52 -8.12 -10.98
N LEU A 138 -39.72 -8.18 -9.66
CA LEU A 138 -39.58 -9.42 -8.91
C LEU A 138 -40.94 -9.95 -8.50
N GLU A 139 -41.31 -11.08 -9.09
CA GLU A 139 -42.57 -11.75 -8.79
C GLU A 139 -42.35 -12.83 -7.75
N GLY A 140 -42.89 -12.61 -6.57
CA GLY A 140 -42.75 -13.54 -5.47
C GLY A 140 -43.66 -13.23 -4.31
N ASP A 141 -43.74 -14.16 -3.36
CA ASP A 141 -44.56 -14.01 -2.17
C ASP A 141 -44.10 -12.81 -1.34
N VAL A 142 -43.65 -13.05 -0.11
CA VAL A 142 -43.12 -11.96 0.72
C VAL A 142 -41.80 -11.43 0.17
N LEU A 143 -41.84 -10.24 -0.43
CA LEU A 143 -40.62 -9.65 -0.99
C LEU A 143 -40.23 -8.34 -0.31
N GLY A 144 -38.92 -8.13 -0.19
CA GLY A 144 -38.36 -6.95 0.44
C GLY A 144 -37.26 -6.36 -0.43
N SER A 145 -37.01 -5.07 -0.23
CA SER A 145 -36.04 -4.38 -1.06
C SER A 145 -35.25 -3.37 -0.24
N TYR A 146 -33.93 -3.57 -0.22
CA TYR A 146 -33.01 -2.62 0.41
C TYR A 146 -32.27 -1.77 -0.63
N GLN A 147 -32.13 -0.48 -0.32
CA GLN A 147 -31.39 0.40 -1.18
C GLN A 147 -30.31 1.12 -0.40
N HIS A 148 -29.08 0.99 -0.92
CA HIS A 148 -27.84 1.52 -0.34
C HIS A 148 -27.57 2.84 -1.00
N GLY A 149 -27.88 3.92 -0.29
CA GLY A 149 -27.86 5.23 -0.90
C GLY A 149 -28.75 5.23 -2.13
N ALA A 150 -28.13 5.32 -3.30
CA ALA A 150 -28.85 5.46 -4.55
C ALA A 150 -28.01 4.79 -5.60
N ARG A 151 -26.84 4.36 -5.17
CA ARG A 151 -25.80 3.80 -6.03
C ARG A 151 -26.19 2.39 -6.40
N ILE A 152 -26.92 1.74 -5.49
CA ILE A 152 -27.16 0.31 -5.60
C ILE A 152 -28.48 -0.03 -4.91
N GLY A 153 -29.28 -0.88 -5.56
CA GLY A 153 -30.56 -1.32 -5.00
C GLY A 153 -30.82 -2.80 -5.27
N VAL A 154 -31.34 -3.50 -4.27
CA VAL A 154 -31.61 -4.94 -4.41
C VAL A 154 -33.08 -5.29 -4.20
N LEU A 155 -33.44 -6.49 -4.65
CA LEU A 155 -34.82 -6.94 -4.67
C LEU A 155 -34.90 -8.42 -4.27
N VAL A 156 -35.56 -8.69 -3.14
CA VAL A 156 -35.59 -10.04 -2.57
C VAL A 156 -37.01 -10.61 -2.39
N ALA A 157 -37.30 -11.71 -3.08
CA ALA A 157 -38.58 -12.38 -2.95
C ALA A 157 -38.44 -13.67 -2.14
N ALA A 158 -38.89 -13.62 -0.90
CA ALA A 158 -38.69 -14.71 0.06
C ALA A 158 -39.88 -15.66 0.18
N LYS A 159 -40.00 -16.27 1.36
CA LYS A 159 -41.04 -17.28 1.63
C LYS A 159 -40.93 -17.87 3.05
N GLY A 160 -41.53 -17.19 4.01
CA GLY A 160 -41.60 -17.73 5.36
C GLY A 160 -40.78 -16.92 6.33
N ALA A 161 -40.26 -15.80 5.84
CA ALA A 161 -39.40 -14.95 6.66
C ALA A 161 -40.05 -13.59 6.91
N ASP A 162 -39.82 -13.05 8.11
CA ASP A 162 -40.53 -11.85 8.57
C ASP A 162 -40.15 -10.53 7.87
N GLU A 163 -40.31 -9.43 8.61
CA GLU A 163 -40.03 -8.09 8.11
C GLU A 163 -38.53 -7.80 8.12
N GLU A 164 -37.81 -8.49 8.99
CA GLU A 164 -36.38 -8.29 9.12
C GLU A 164 -35.62 -9.21 8.20
N LEU A 165 -36.00 -10.47 8.17
CA LEU A 165 -35.25 -11.45 7.41
C LEU A 165 -35.12 -11.13 5.91
N VAL A 166 -36.00 -10.32 5.36
CA VAL A 166 -35.85 -9.96 3.95
C VAL A 166 -35.01 -8.70 3.77
N LYS A 167 -35.14 -7.76 4.69
CA LYS A 167 -34.24 -6.64 4.67
C LYS A 167 -32.85 -7.24 4.71
N HIS A 168 -32.55 -7.96 5.79
CA HIS A 168 -31.21 -8.50 6.02
C HIS A 168 -30.61 -9.24 4.83
N ILE A 169 -31.37 -10.12 4.20
CA ILE A 169 -30.82 -10.83 3.04
C ILE A 169 -30.88 -10.00 1.77
N ALA A 170 -31.52 -8.84 1.86
CA ALA A 170 -31.45 -7.84 0.82
C ALA A 170 -30.14 -7.06 1.00
N MET A 171 -29.76 -6.85 2.26
CA MET A 171 -28.52 -6.16 2.64
C MET A 171 -27.27 -6.96 2.34
N HIS A 172 -27.34 -8.28 2.53
CA HIS A 172 -26.27 -9.15 2.05
C HIS A 172 -26.17 -9.06 0.54
N VAL A 173 -27.30 -9.07 -0.16
CA VAL A 173 -27.25 -9.03 -1.63
C VAL A 173 -26.57 -7.77 -2.14
N ALA A 174 -26.82 -6.66 -1.46
CA ALA A 174 -26.21 -5.39 -1.83
C ALA A 174 -24.71 -5.49 -1.62
N ALA A 175 -24.30 -6.27 -0.63
CA ALA A 175 -22.89 -6.41 -0.33
C ALA A 175 -22.21 -7.42 -1.25
N SER A 176 -22.70 -8.65 -1.24
CA SER A 176 -21.95 -9.76 -1.81
C SER A 176 -22.30 -10.15 -3.25
N LYS A 177 -23.15 -9.35 -3.90
CA LYS A 177 -23.53 -9.57 -5.30
C LYS A 177 -23.39 -10.99 -5.82
N PRO A 178 -24.30 -11.90 -5.37
CA PRO A 178 -24.37 -13.28 -5.88
C PRO A 178 -25.08 -13.41 -7.24
N GLU A 179 -24.39 -13.94 -8.24
CA GLU A 179 -24.99 -14.20 -9.56
C GLU A 179 -26.19 -15.16 -9.54
N PHE A 180 -26.14 -16.19 -8.68
CA PHE A 180 -27.19 -17.20 -8.63
C PHE A 180 -27.76 -17.35 -7.23
N ILE A 181 -28.75 -18.24 -7.10
CA ILE A 181 -29.46 -18.34 -5.83
C ILE A 181 -29.15 -19.63 -5.11
N LYS A 182 -28.87 -20.69 -5.88
CA LYS A 182 -28.57 -22.00 -5.31
C LYS A 182 -27.28 -22.50 -5.92
N PRO A 183 -26.56 -23.39 -5.23
CA PRO A 183 -25.29 -23.85 -5.82
C PRO A 183 -25.52 -24.63 -7.12
N GLU A 184 -26.78 -24.85 -7.49
CA GLU A 184 -27.11 -25.70 -8.63
C GLU A 184 -27.60 -24.93 -9.86
N ASP A 185 -28.01 -23.68 -9.64
CA ASP A 185 -28.43 -22.80 -10.72
C ASP A 185 -27.24 -22.44 -11.59
N VAL A 186 -26.79 -23.37 -12.42
CA VAL A 186 -25.57 -23.14 -13.17
C VAL A 186 -25.59 -23.78 -14.54
N SER A 187 -25.49 -22.95 -15.57
CA SER A 187 -25.46 -23.44 -16.93
C SER A 187 -24.58 -24.68 -17.01
N ALA A 188 -25.21 -25.86 -17.09
CA ALA A 188 -24.48 -27.11 -17.22
C ALA A 188 -23.29 -26.97 -18.18
N GLU A 189 -23.46 -26.15 -19.22
CA GLU A 189 -22.39 -25.86 -20.16
C GLU A 189 -21.30 -25.02 -19.51
N VAL A 190 -21.65 -23.89 -18.91
CA VAL A 190 -20.66 -22.98 -18.31
C VAL A 190 -19.72 -23.76 -17.38
N VAL A 191 -20.28 -24.78 -16.74
CA VAL A 191 -19.56 -25.64 -15.82
C VAL A 191 -19.15 -26.96 -16.52
N GLU A 192 -19.42 -27.02 -17.83
CA GLU A 192 -18.97 -28.13 -18.67
C GLU A 192 -17.72 -27.75 -19.49
N LYS A 193 -17.67 -26.48 -19.88
CA LYS A 193 -16.50 -25.93 -20.53
C LYS A 193 -15.44 -25.66 -19.46
N GLU A 194 -15.89 -25.08 -18.35
CA GLU A 194 -15.03 -24.72 -17.23
C GLU A 194 -14.38 -25.93 -16.53
N TYR A 195 -14.99 -27.12 -16.69
CA TYR A 195 -14.42 -28.37 -16.16
C TYR A 195 -13.45 -28.98 -17.18
N GLN A 196 -13.71 -28.75 -18.46
CA GLN A 196 -12.86 -29.31 -19.51
C GLN A 196 -11.68 -28.40 -19.82
N VAL A 197 -11.84 -27.12 -19.48
CA VAL A 197 -10.75 -26.15 -19.55
C VAL A 197 -9.72 -26.41 -18.44
N GLN A 198 -10.21 -26.82 -17.26
CA GLN A 198 -9.35 -27.13 -16.13
C GLN A 198 -8.81 -28.56 -16.18
N LEU A 199 -9.64 -29.53 -16.57
CA LEU A 199 -9.20 -30.94 -16.59
C LEU A 199 -8.01 -31.21 -17.53
N ASP A 200 -7.66 -30.22 -18.34
CA ASP A 200 -6.42 -30.30 -19.10
C ASP A 200 -5.31 -29.50 -18.39
N ILE A 201 -5.64 -28.25 -18.04
CA ILE A 201 -4.73 -27.37 -17.28
C ILE A 201 -3.81 -28.11 -16.28
N ALA A 202 -4.43 -28.91 -15.42
CA ALA A 202 -3.68 -29.60 -14.37
C ALA A 202 -3.12 -30.95 -14.87
N MET A 203 -3.72 -31.47 -15.94
CA MET A 203 -3.20 -32.66 -16.59
C MET A 203 -1.97 -32.27 -17.40
N GLN A 204 -1.89 -30.98 -17.70
CA GLN A 204 -0.77 -30.40 -18.43
C GLN A 204 0.54 -30.64 -17.66
N SER A 205 0.53 -30.23 -16.40
CA SER A 205 1.66 -30.44 -15.49
C SER A 205 1.99 -31.92 -15.31
N GLY A 206 1.08 -32.78 -15.77
CA GLY A 206 1.28 -34.21 -15.65
C GLY A 206 0.80 -34.77 -14.32
N LYS A 207 -0.23 -34.15 -13.72
CA LYS A 207 -0.93 -34.75 -12.59
C LYS A 207 -1.77 -35.88 -13.18
N PRO A 208 -1.88 -37.02 -12.45
CA PRO A 208 -2.70 -38.16 -12.89
C PRO A 208 -4.21 -37.86 -12.91
N LYS A 209 -4.98 -38.62 -13.69
CA LYS A 209 -6.37 -38.27 -14.03
C LYS A 209 -7.17 -37.78 -12.80
N GLU A 210 -7.72 -38.75 -12.06
CA GLU A 210 -8.56 -38.52 -10.87
C GLU A 210 -7.89 -37.73 -9.73
N ILE A 211 -6.74 -37.12 -10.04
CA ILE A 211 -6.05 -36.21 -9.12
C ILE A 211 -6.37 -34.80 -9.61
N ALA A 212 -6.11 -34.59 -10.90
CA ALA A 212 -6.52 -33.37 -11.57
C ALA A 212 -8.05 -33.27 -11.54
N GLU A 213 -8.70 -34.43 -11.49
CA GLU A 213 -10.15 -34.46 -11.51
C GLU A 213 -10.73 -34.05 -10.15
N LYS A 214 -10.26 -34.70 -9.08
CA LYS A 214 -10.79 -34.42 -7.74
C LYS A 214 -10.45 -32.97 -7.42
N MET A 215 -9.30 -32.54 -7.94
CA MET A 215 -8.81 -31.19 -7.75
C MET A 215 -9.67 -30.18 -8.49
N VAL A 216 -9.87 -30.42 -9.78
CA VAL A 216 -10.71 -29.55 -10.57
C VAL A 216 -12.09 -29.43 -9.94
N GLU A 217 -12.66 -30.59 -9.60
CA GLU A 217 -14.01 -30.64 -9.10
C GLU A 217 -14.13 -29.86 -7.81
N GLY A 218 -13.24 -30.14 -6.87
CA GLY A 218 -13.21 -29.41 -5.62
C GLY A 218 -13.23 -27.90 -5.80
N ARG A 219 -12.49 -27.43 -6.79
CA ARG A 219 -12.42 -26.00 -7.13
C ARG A 219 -13.79 -25.46 -7.56
N MET A 220 -14.37 -26.06 -8.61
CA MET A 220 -15.65 -25.60 -9.14
C MET A 220 -16.78 -25.96 -8.19
N LYS A 221 -16.42 -26.49 -7.03
CA LYS A 221 -17.36 -26.59 -5.94
C LYS A 221 -17.29 -25.25 -5.21
N LYS A 222 -16.09 -24.86 -4.80
CA LYS A 222 -15.90 -23.62 -4.07
C LYS A 222 -16.21 -22.43 -4.96
N PHE A 223 -16.02 -22.61 -6.26
CA PHE A 223 -16.39 -21.61 -7.24
C PHE A 223 -17.88 -21.33 -7.12
N THR A 224 -18.70 -22.32 -7.46
CA THR A 224 -20.16 -22.16 -7.39
C THR A 224 -20.65 -21.89 -5.98
N GLY A 225 -19.94 -22.41 -4.98
CA GLY A 225 -20.33 -22.13 -3.62
C GLY A 225 -20.38 -20.62 -3.43
N GLU A 226 -19.30 -19.96 -3.86
CA GLU A 226 -19.03 -18.55 -3.59
C GLU A 226 -19.95 -17.57 -4.35
N VAL A 227 -20.13 -17.82 -5.64
CA VAL A 227 -20.95 -16.96 -6.48
C VAL A 227 -22.46 -17.14 -6.20
N SER A 228 -22.81 -18.14 -5.41
CA SER A 228 -24.22 -18.46 -5.18
C SER A 228 -24.71 -18.12 -3.78
N LEU A 229 -25.80 -17.37 -3.73
CA LEU A 229 -26.35 -16.86 -2.48
C LEU A 229 -26.25 -17.88 -1.36
N THR A 230 -26.75 -19.09 -1.64
CA THR A 230 -26.64 -20.24 -0.74
C THR A 230 -25.32 -20.31 0.03
N GLY A 231 -24.23 -20.51 -0.71
CA GLY A 231 -22.91 -20.74 -0.13
C GLY A 231 -22.06 -19.50 0.03
N GLN A 232 -22.72 -18.42 0.43
CA GLN A 232 -22.05 -17.19 0.82
C GLN A 232 -22.30 -16.89 2.29
N PRO A 233 -21.22 -16.80 3.08
CA PRO A 233 -21.30 -16.52 4.52
C PRO A 233 -22.25 -15.37 4.76
N PHE A 234 -23.18 -15.54 5.68
CA PHE A 234 -24.11 -14.46 5.95
C PHE A 234 -23.31 -13.23 6.35
N VAL A 235 -23.60 -12.12 5.70
CA VAL A 235 -22.86 -10.89 5.91
C VAL A 235 -23.04 -10.25 7.31
N MET A 236 -24.13 -10.59 8.01
CA MET A 236 -24.36 -10.08 9.36
C MET A 236 -23.97 -11.11 10.43
N GLU A 237 -23.48 -12.26 9.96
CA GLU A 237 -22.99 -13.35 10.80
C GLU A 237 -22.32 -14.41 9.95
N PRO A 238 -21.09 -14.11 9.51
CA PRO A 238 -20.38 -14.87 8.47
C PRO A 238 -19.87 -16.20 8.99
N SER A 239 -20.34 -16.59 10.16
CA SER A 239 -20.05 -17.89 10.73
C SER A 239 -20.75 -18.94 9.91
N LYS A 240 -21.99 -18.63 9.52
CA LYS A 240 -22.85 -19.53 8.76
C LYS A 240 -23.14 -18.92 7.40
N THR A 241 -23.49 -19.76 6.42
CA THR A 241 -23.82 -19.24 5.09
C THR A 241 -25.24 -18.73 5.05
N VAL A 242 -25.65 -18.29 3.88
CA VAL A 242 -27.02 -17.85 3.66
C VAL A 242 -27.88 -19.09 3.63
N GLY A 243 -27.35 -20.17 3.04
CA GLY A 243 -27.99 -21.46 3.08
C GLY A 243 -28.50 -21.74 4.49
N GLN A 244 -27.56 -21.79 5.44
CA GLN A 244 -27.92 -22.07 6.83
C GLN A 244 -28.76 -20.98 7.47
N LEU A 245 -28.45 -19.72 7.19
CA LEU A 245 -29.25 -18.65 7.76
C LEU A 245 -30.71 -18.90 7.45
N LEU A 246 -30.97 -19.12 6.17
CA LEU A 246 -32.31 -19.38 5.66
C LEU A 246 -32.95 -20.60 6.33
N LYS A 247 -32.56 -21.80 5.89
CA LYS A 247 -33.12 -23.04 6.41
C LYS A 247 -33.40 -22.95 7.91
N GLU A 248 -32.36 -22.67 8.69
CA GLU A 248 -32.48 -22.54 10.15
C GLU A 248 -33.72 -21.80 10.62
N HIS A 249 -34.19 -20.84 9.83
CA HIS A 249 -35.35 -20.05 10.21
C HIS A 249 -36.62 -20.74 9.79
N ASN A 250 -36.70 -21.03 8.49
CA ASN A 250 -37.81 -21.74 7.90
C ASN A 250 -37.80 -21.52 6.40
N ALA A 251 -37.54 -20.27 6.03
CA ALA A 251 -37.89 -19.75 4.72
C ALA A 251 -37.02 -20.18 3.54
N GLU A 252 -37.30 -19.54 2.42
CA GLU A 252 -36.69 -19.82 1.13
C GLU A 252 -36.95 -18.66 0.19
N VAL A 253 -35.94 -18.22 -0.56
CA VAL A 253 -36.14 -17.15 -1.52
C VAL A 253 -36.31 -17.66 -2.95
N THR A 254 -37.44 -17.33 -3.55
CA THR A 254 -37.70 -17.70 -4.94
C THR A 254 -36.68 -17.07 -5.86
N GLY A 255 -36.15 -15.92 -5.44
CA GLY A 255 -35.18 -15.16 -6.23
C GLY A 255 -34.95 -13.72 -5.75
N PHE A 256 -34.08 -13.01 -6.47
CA PHE A 256 -33.65 -11.64 -6.11
C PHE A 256 -33.28 -10.80 -7.35
N ILE A 257 -33.19 -9.49 -7.17
CA ILE A 257 -32.63 -8.62 -8.20
C ILE A 257 -31.72 -7.54 -7.60
N ARG A 258 -30.56 -7.31 -8.21
CA ARG A 258 -29.72 -6.17 -7.85
C ARG A 258 -29.07 -5.50 -9.07
N PHE A 259 -29.24 -4.18 -9.13
CA PHE A 259 -28.65 -3.33 -10.14
C PHE A 259 -27.67 -2.42 -9.41
N GLU A 260 -26.55 -2.09 -10.06
CA GLU A 260 -25.65 -1.08 -9.53
C GLU A 260 -25.39 -0.03 -10.59
N VAL A 261 -25.55 1.23 -10.22
CA VAL A 261 -25.47 2.33 -11.18
C VAL A 261 -24.30 2.21 -12.18
N GLY A 262 -24.64 2.13 -13.45
CA GLY A 262 -23.64 2.13 -14.50
C GLY A 262 -22.80 0.87 -14.56
N GLU A 263 -23.37 -0.27 -14.17
CA GLU A 263 -22.68 -1.57 -14.31
C GLU A 263 -22.37 -1.88 -15.77
N GLY A 264 -21.19 -2.46 -16.01
CA GLY A 264 -20.76 -2.73 -17.37
C GLY A 264 -20.97 -1.59 -18.33
N ILE A 265 -20.48 -0.41 -17.97
CA ILE A 265 -20.48 0.71 -18.89
C ILE A 265 -19.04 1.17 -19.07
N GLU A 266 -18.45 0.82 -20.21
CA GLU A 266 -17.03 1.05 -20.50
C GLU A 266 -16.45 2.27 -19.76
N LYS A 267 -17.05 3.43 -20.00
CA LYS A 267 -16.61 4.70 -19.38
C LYS A 267 -15.12 4.96 -19.59
N VAL A 268 -14.77 5.43 -20.79
CA VAL A 268 -13.38 5.74 -21.13
C VAL A 268 -12.81 6.74 -20.10
N GLU A 269 -11.60 6.45 -19.63
CA GLU A 269 -10.96 7.18 -18.52
C GLU A 269 -10.74 8.67 -18.80
N THR A 270 -10.64 9.47 -17.74
CA THR A 270 -10.36 10.90 -17.89
C THR A 270 -9.20 11.38 -17.00
N ASP A 271 -8.23 12.03 -17.62
CA ASP A 271 -7.07 12.59 -16.92
C ASP A 271 -7.34 14.07 -16.67
N PHE A 272 -6.29 14.84 -16.39
CA PHE A 272 -6.45 16.29 -16.30
C PHE A 272 -5.23 17.06 -16.76
N ALA A 273 -4.08 16.80 -16.14
CA ALA A 273 -2.86 17.47 -16.56
C ALA A 273 -2.54 17.20 -18.04
N ALA A 274 -2.61 15.93 -18.44
CA ALA A 274 -2.33 15.54 -19.83
C ALA A 274 -3.51 15.90 -20.71
N GLU A 275 -4.58 16.34 -20.06
CA GLU A 275 -5.77 16.81 -20.75
C GLU A 275 -5.60 18.27 -21.14
N VAL A 276 -5.23 19.08 -20.15
CA VAL A 276 -5.05 20.51 -20.36
C VAL A 276 -3.86 20.77 -21.25
N ALA A 277 -2.75 20.09 -20.99
CA ALA A 277 -1.55 20.26 -21.80
C ALA A 277 -1.83 20.08 -23.30
N ALA A 278 -2.94 19.41 -23.61
CA ALA A 278 -3.34 19.11 -25.01
C ALA A 278 -4.38 20.11 -25.55
N MET A 279 -4.85 20.98 -24.67
CA MET A 279 -5.67 22.13 -25.05
C MET A 279 -4.71 23.32 -25.12
N SER A 280 -3.70 23.30 -24.26
CA SER A 280 -2.65 24.31 -24.20
C SER A 280 -1.72 24.26 -25.43
N LYS A 281 -1.09 23.12 -25.66
CA LYS A 281 -0.13 22.96 -26.77
C LYS A 281 -0.76 23.22 -28.15
N GLN A 282 -2.01 22.80 -28.34
CA GLN A 282 -2.74 23.09 -29.56
C GLN A 282 -2.80 24.61 -29.80
N SER A 283 -2.32 25.36 -28.82
CA SER A 283 -2.33 26.83 -28.87
C SER A 283 -1.11 27.47 -28.19
N HIS A 284 -0.27 26.66 -27.56
CA HIS A 284 0.93 27.15 -26.89
C HIS A 284 2.03 27.41 -27.92
N MET A 285 1.67 27.18 -29.18
CA MET A 285 2.49 27.61 -30.29
C MET A 285 1.64 28.53 -31.16
N SER A 286 1.95 29.83 -31.11
CA SER A 286 1.21 30.84 -31.85
C SER A 286 -0.22 31.01 -31.33
N PHE A 290 16.04 31.61 -4.69
CA PHE A 290 15.43 32.92 -4.62
C PHE A 290 14.10 32.91 -3.87
N GLU A 291 13.03 33.29 -4.59
CA GLU A 291 11.70 33.40 -4.01
C GLU A 291 10.93 32.07 -4.03
N ARG A 292 11.34 31.17 -3.14
CA ARG A 292 10.69 29.87 -2.95
C ARG A 292 9.69 29.96 -1.80
N THR A 293 9.89 30.99 -0.96
CA THR A 293 9.06 31.21 0.22
C THR A 293 7.59 31.46 -0.10
N LYS A 294 7.29 31.68 -1.38
CA LYS A 294 5.91 32.02 -1.80
C LYS A 294 4.88 30.96 -1.41
N PRO A 295 3.77 31.42 -0.83
CA PRO A 295 2.70 30.54 -0.32
C PRO A 295 2.11 29.61 -1.39
N HIS A 296 1.70 28.42 -0.95
CA HIS A 296 1.08 27.41 -1.83
C HIS A 296 -0.42 27.31 -1.59
N VAL A 297 -1.21 27.68 -2.60
CA VAL A 297 -2.67 27.70 -2.47
C VAL A 297 -3.37 26.76 -3.45
N ASN A 298 -4.21 25.88 -2.90
CA ASN A 298 -4.97 24.95 -3.72
C ASN A 298 -6.30 25.51 -4.13
N VAL A 299 -6.61 25.34 -5.41
CA VAL A 299 -7.91 25.71 -5.92
C VAL A 299 -8.50 24.54 -6.68
N GLY A 300 -9.76 24.65 -7.02
CA GLY A 300 -10.41 23.61 -7.78
C GLY A 300 -11.42 24.27 -8.66
N THR A 301 -11.54 23.75 -9.87
CA THR A 301 -12.51 24.25 -10.81
C THR A 301 -13.74 23.35 -10.71
N ILE A 302 -14.92 23.95 -10.60
CA ILE A 302 -16.14 23.18 -10.44
C ILE A 302 -17.32 23.80 -11.18
N GLY A 303 -17.71 23.20 -12.29
CA GLY A 303 -18.81 23.74 -13.07
C GLY A 303 -19.44 22.65 -13.91
N HIS A 304 -20.22 23.05 -14.92
CA HIS A 304 -20.85 22.08 -15.81
C HIS A 304 -19.89 21.37 -16.76
N VAL A 305 -20.13 20.08 -16.98
CA VAL A 305 -19.19 19.24 -17.71
C VAL A 305 -18.70 19.86 -19.02
N ASP A 306 -19.61 20.52 -19.74
CA ASP A 306 -19.23 21.11 -21.03
C ASP A 306 -19.36 22.65 -21.09
N HIS A 307 -19.40 23.29 -19.92
CA HIS A 307 -19.18 24.73 -19.83
C HIS A 307 -17.69 24.99 -19.91
N GLY A 308 -16.98 23.98 -20.46
CA GLY A 308 -15.55 24.05 -20.70
C GLY A 308 -14.77 24.66 -19.56
N LYS A 309 -14.61 23.90 -18.49
CA LYS A 309 -13.77 24.35 -17.40
C LYS A 309 -12.36 23.83 -17.62
N THR A 310 -12.23 22.92 -18.58
CA THR A 310 -10.93 22.45 -19.04
C THR A 310 -10.29 23.49 -19.95
N THR A 311 -11.15 24.27 -20.62
CA THR A 311 -10.69 25.38 -21.45
C THR A 311 -10.28 26.56 -20.56
N LEU A 312 -11.06 26.87 -19.53
CA LEU A 312 -10.70 27.97 -18.64
C LEU A 312 -9.45 27.68 -17.85
N THR A 313 -9.16 26.39 -17.66
CA THR A 313 -8.01 25.98 -16.86
C THR A 313 -6.71 26.07 -17.68
N ALA A 314 -6.84 25.86 -18.99
CA ALA A 314 -5.74 26.02 -19.92
C ALA A 314 -5.29 27.48 -19.99
N ALA A 315 -6.23 28.34 -20.34
CA ALA A 315 -5.99 29.78 -20.38
C ALA A 315 -5.29 30.28 -19.12
N ILE A 316 -5.76 29.88 -17.96
CA ILE A 316 -5.11 30.29 -16.72
C ILE A 316 -3.61 29.99 -16.75
N THR A 317 -3.19 29.08 -17.63
CA THR A 317 -1.78 28.65 -17.65
C THR A 317 -0.99 29.17 -18.84
N THR A 318 -1.62 29.21 -20.01
CA THR A 318 -0.96 29.78 -21.18
C THR A 318 -0.87 31.30 -21.05
N VAL A 319 -1.84 31.92 -20.39
CA VAL A 319 -1.90 33.38 -20.27
C VAL A 319 -1.17 33.90 -19.02
N LEU A 320 -0.97 33.03 -18.04
CA LEU A 320 -0.19 33.35 -16.86
C LEU A 320 1.28 32.97 -17.11
N ALA A 321 1.51 32.25 -18.20
CA ALA A 321 2.86 31.95 -18.65
C ALA A 321 3.28 33.05 -19.60
N LYS A 322 2.41 33.34 -20.58
CA LYS A 322 2.63 34.38 -21.58
C LYS A 322 2.87 35.75 -20.91
N THR A 323 2.40 35.89 -19.67
CA THR A 323 2.65 37.08 -18.86
C THR A 323 3.75 36.81 -17.83
N TYR A 324 3.36 36.77 -16.56
CA TYR A 324 4.30 36.63 -15.43
C TYR A 324 5.30 35.47 -15.57
N GLY A 325 5.81 34.97 -14.45
CA GLY A 325 6.89 33.98 -14.46
C GLY A 325 6.67 32.75 -15.33
N GLY A 326 7.18 31.61 -14.86
CA GLY A 326 7.06 30.36 -15.58
C GLY A 326 5.97 29.46 -15.02
N ASN A 348 -2.07 15.87 -5.32
CA ASN A 348 -1.62 14.54 -5.73
C ASN A 348 -2.13 14.21 -7.12
N THR A 349 -1.51 13.20 -7.74
CA THR A 349 -1.75 12.79 -9.13
C THR A 349 -2.80 13.61 -9.92
N SER A 350 -2.39 14.11 -11.09
CA SER A 350 -3.24 14.90 -11.97
C SER A 350 -3.80 16.13 -11.29
N HIS A 351 -3.10 17.24 -11.48
CA HIS A 351 -3.42 18.51 -10.86
C HIS A 351 -2.44 19.51 -11.43
N VAL A 352 -2.92 20.36 -12.33
CA VAL A 352 -2.04 21.35 -12.93
C VAL A 352 -1.67 22.43 -11.91
N GLU A 353 -0.46 22.97 -12.02
CA GLU A 353 -0.04 24.06 -11.15
C GLU A 353 0.52 25.21 -11.98
N TYR A 354 0.55 26.39 -11.40
CA TYR A 354 1.01 27.60 -12.09
C TYR A 354 1.30 28.74 -11.11
N ASP A 355 1.97 29.77 -11.62
CA ASP A 355 2.53 30.81 -10.76
C ASP A 355 1.96 32.20 -10.94
N THR A 356 1.92 32.92 -9.83
CA THR A 356 1.58 34.33 -9.79
C THR A 356 2.82 35.06 -9.26
N PRO A 357 3.01 36.35 -9.65
CA PRO A 357 4.11 37.10 -9.05
C PRO A 357 4.14 36.96 -7.53
N THR A 358 2.97 36.79 -6.91
CA THR A 358 2.88 36.76 -5.45
C THR A 358 2.59 35.38 -4.80
N ARG A 359 1.96 34.47 -5.53
CA ARG A 359 1.57 33.15 -4.98
C ARG A 359 1.84 31.99 -5.93
N HIS A 360 1.82 30.76 -5.40
CA HIS A 360 1.92 29.56 -6.24
C HIS A 360 0.69 28.65 -6.14
N TYR A 361 0.04 28.40 -7.27
CA TYR A 361 -1.26 27.73 -7.27
C TYR A 361 -1.29 26.29 -7.79
N ALA A 362 -2.06 25.44 -7.11
CA ALA A 362 -2.32 24.06 -7.55
C ALA A 362 -3.81 23.90 -7.86
N HIS A 363 -4.13 23.52 -9.09
CA HIS A 363 -5.52 23.55 -9.57
C HIS A 363 -6.08 22.16 -9.82
N VAL A 364 -7.12 21.81 -9.07
CA VAL A 364 -7.77 20.51 -9.18
C VAL A 364 -9.06 20.66 -9.97
N ASP A 365 -9.69 19.56 -10.36
CA ASP A 365 -11.00 19.62 -10.99
C ASP A 365 -12.03 18.85 -10.17
N CYS A 366 -13.25 19.38 -10.03
CA CYS A 366 -14.27 18.74 -9.21
C CYS A 366 -15.39 18.13 -10.05
N PRO A 367 -15.14 16.94 -10.63
CA PRO A 367 -15.97 16.32 -11.65
C PRO A 367 -16.93 15.29 -11.05
N GLY A 368 -16.88 15.13 -9.73
CA GLY A 368 -17.77 14.24 -9.03
C GLY A 368 -17.87 14.65 -7.58
N HIS A 369 -19.08 14.59 -7.03
CA HIS A 369 -19.32 15.04 -5.65
C HIS A 369 -18.71 14.06 -4.66
N ALA A 370 -19.16 12.81 -4.74
CA ALA A 370 -18.59 11.75 -3.94
C ALA A 370 -17.09 11.78 -4.13
N ASP A 371 -16.64 11.62 -5.37
CA ASP A 371 -15.21 11.55 -5.64
C ASP A 371 -14.41 12.66 -4.97
N TYR A 372 -14.90 13.89 -5.02
CA TYR A 372 -14.15 14.98 -4.41
C TYR A 372 -14.05 14.84 -2.87
N VAL A 373 -15.20 14.61 -2.25
CA VAL A 373 -15.24 14.34 -0.83
C VAL A 373 -14.22 13.30 -0.37
N LYS A 374 -14.00 12.28 -1.18
CA LYS A 374 -13.05 11.25 -0.85
C LYS A 374 -11.70 11.92 -0.76
N ASN A 375 -11.35 12.68 -1.79
CA ASN A 375 -10.07 13.37 -1.85
C ASN A 375 -9.91 14.50 -0.83
N MET A 376 -11.01 14.90 -0.20
CA MET A 376 -10.95 15.90 0.87
C MET A 376 -10.59 15.21 2.17
N ILE A 377 -11.18 14.04 2.41
CA ILE A 377 -10.97 13.26 3.64
C ILE A 377 -9.63 12.51 3.60
N THR A 378 -9.44 11.80 2.50
CA THR A 378 -8.24 11.06 2.23
C THR A 378 -7.05 12.01 2.41
N GLY A 379 -7.29 13.31 2.25
CA GLY A 379 -6.24 14.32 2.36
C GLY A 379 -5.54 14.64 1.05
N ALA A 380 -5.81 13.80 0.04
CA ALA A 380 -5.09 13.85 -1.23
C ALA A 380 -5.58 14.95 -2.17
N ALA A 381 -6.11 16.04 -1.61
CA ALA A 381 -6.35 17.30 -2.34
C ALA A 381 -7.49 18.11 -1.71
N GLN A 382 -7.21 18.89 -0.67
CA GLN A 382 -8.26 19.74 -0.09
C GLN A 382 -8.27 21.06 -0.87
N MET A 383 -9.04 22.07 -0.45
CA MET A 383 -9.22 23.26 -1.29
C MET A 383 -9.27 24.53 -0.47
N ASP A 384 -8.55 25.55 -0.92
CA ASP A 384 -8.49 26.83 -0.22
C ASP A 384 -9.48 27.81 -0.82
N GLY A 385 -9.83 27.56 -2.07
CA GLY A 385 -10.85 28.35 -2.73
C GLY A 385 -11.36 27.62 -3.95
N ALA A 386 -12.67 27.58 -4.12
CA ALA A 386 -13.25 27.00 -5.32
C ALA A 386 -13.38 28.08 -6.39
N ILE A 387 -13.61 27.68 -7.62
CA ILE A 387 -13.93 28.64 -8.64
C ILE A 387 -14.99 28.02 -9.52
N LEU A 388 -16.13 28.70 -9.60
CA LEU A 388 -17.29 28.14 -10.26
C LEU A 388 -17.35 28.60 -11.70
N VAL A 389 -17.40 27.64 -12.61
CA VAL A 389 -17.32 27.90 -14.04
C VAL A 389 -18.64 27.63 -14.72
N VAL A 390 -19.44 28.68 -14.88
CA VAL A 390 -20.68 28.59 -15.66
C VAL A 390 -20.56 29.42 -16.95
N ALA A 391 -21.17 28.95 -18.03
CA ALA A 391 -21.10 29.61 -19.33
C ALA A 391 -22.33 30.50 -19.55
N ALA A 392 -22.10 31.76 -19.96
CA ALA A 392 -23.17 32.76 -20.10
C ALA A 392 -24.13 32.45 -21.25
N THR A 393 -23.68 31.60 -22.16
CA THR A 393 -24.51 31.01 -23.20
C THR A 393 -25.72 30.29 -22.61
N ASP A 394 -25.54 29.67 -21.44
CA ASP A 394 -26.59 28.86 -20.83
C ASP A 394 -27.02 29.35 -19.46
N GLY A 395 -26.15 30.12 -18.81
CA GLY A 395 -26.38 30.56 -17.44
C GLY A 395 -26.20 29.43 -16.44
N PRO A 396 -26.62 29.63 -15.19
CA PRO A 396 -26.63 28.50 -14.25
C PRO A 396 -27.43 27.30 -14.75
N MET A 397 -26.88 26.12 -14.52
CA MET A 397 -27.57 24.88 -14.82
C MET A 397 -28.38 24.47 -13.61
N PRO A 398 -29.58 23.93 -13.81
CA PRO A 398 -30.39 23.45 -12.70
C PRO A 398 -29.58 22.67 -11.66
N GLN A 399 -28.57 21.95 -12.11
CA GLN A 399 -27.75 21.18 -11.18
C GLN A 399 -26.64 22.03 -10.61
N THR A 400 -26.56 23.28 -11.01
CA THR A 400 -25.54 24.18 -10.51
C THR A 400 -25.71 24.39 -9.00
N ARG A 401 -26.90 24.09 -8.49
CA ARG A 401 -27.09 24.21 -7.04
C ARG A 401 -26.34 23.08 -6.32
N GLU A 402 -26.21 21.95 -6.98
CA GLU A 402 -25.52 20.82 -6.41
C GLU A 402 -24.00 21.04 -6.43
N HIS A 403 -23.51 21.99 -7.22
CA HIS A 403 -22.09 22.37 -7.21
C HIS A 403 -21.78 23.28 -6.03
N ILE A 404 -22.53 24.37 -5.95
CA ILE A 404 -22.43 25.29 -4.83
C ILE A 404 -22.69 24.52 -3.53
N LEU A 405 -23.57 23.53 -3.64
CA LEU A 405 -23.90 22.69 -2.51
C LEU A 405 -22.69 21.87 -2.09
N LEU A 406 -21.98 21.27 -3.06
CA LEU A 406 -20.79 20.49 -2.75
C LEU A 406 -19.84 21.36 -1.95
N GLY A 407 -19.62 22.59 -2.44
CA GLY A 407 -18.74 23.51 -1.75
C GLY A 407 -19.17 23.80 -0.32
N ARG A 408 -20.47 23.96 -0.12
CA ARG A 408 -21.01 24.30 1.19
C ARG A 408 -20.75 23.17 2.17
N GLN A 409 -21.00 21.94 1.72
CA GLN A 409 -20.86 20.76 2.57
C GLN A 409 -19.42 20.56 3.03
N VAL A 410 -18.50 20.51 2.07
CA VAL A 410 -17.07 20.36 2.35
C VAL A 410 -16.46 21.61 3.01
N GLY A 411 -17.06 22.76 2.74
CA GLY A 411 -16.66 24.00 3.38
C GLY A 411 -15.52 24.72 2.69
N VAL A 412 -15.44 24.61 1.38
CA VAL A 412 -14.46 25.43 0.67
C VAL A 412 -14.83 26.85 1.06
N PRO A 413 -13.92 27.55 1.73
CA PRO A 413 -14.25 28.82 2.38
C PRO A 413 -14.66 29.95 1.41
N TYR A 414 -14.01 30.01 0.24
CA TYR A 414 -14.25 31.10 -0.70
C TYR A 414 -14.49 30.58 -2.13
N ILE A 415 -15.59 31.03 -2.74
CA ILE A 415 -15.90 30.66 -4.12
C ILE A 415 -15.89 31.83 -5.11
N ILE A 416 -14.99 31.79 -6.10
CA ILE A 416 -14.92 32.78 -7.15
C ILE A 416 -15.61 32.26 -8.39
N VAL A 417 -16.24 33.14 -9.15
CA VAL A 417 -16.98 32.73 -10.36
C VAL A 417 -16.45 33.32 -11.69
N PHE A 418 -16.20 32.44 -12.66
CA PHE A 418 -15.83 32.86 -14.01
C PHE A 418 -16.94 32.59 -15.04
N LEU A 419 -17.51 33.67 -15.55
CA LEU A 419 -18.45 33.58 -16.65
C LEU A 419 -17.69 33.37 -17.96
N ASN A 420 -17.89 32.22 -18.57
CA ASN A 420 -17.19 31.84 -19.80
C ASN A 420 -18.06 32.11 -21.02
N LYS A 421 -17.42 32.24 -22.18
CA LYS A 421 -18.15 32.43 -23.45
C LYS A 421 -19.08 33.62 -23.38
N CYS A 422 -18.53 34.80 -23.12
CA CYS A 422 -19.31 36.04 -23.02
C CYS A 422 -19.35 36.76 -24.37
N ASP A 423 -18.29 36.56 -25.15
CA ASP A 423 -18.22 37.08 -26.51
C ASP A 423 -19.46 36.68 -27.32
N MET A 424 -19.91 35.44 -27.13
CA MET A 424 -21.05 34.89 -27.84
C MET A 424 -22.38 35.37 -27.27
N VAL A 425 -22.41 36.59 -26.75
CA VAL A 425 -23.65 37.20 -26.26
C VAL A 425 -23.77 38.66 -26.73
N ASP A 426 -24.78 38.93 -27.56
CA ASP A 426 -24.90 40.19 -28.29
C ASP A 426 -25.61 41.32 -27.53
N ASP A 427 -25.95 41.06 -26.26
CA ASP A 427 -26.57 42.05 -25.40
C ASP A 427 -25.95 41.95 -24.02
N GLU A 428 -25.40 43.05 -23.53
CA GLU A 428 -24.78 43.09 -22.21
C GLU A 428 -25.82 43.01 -21.10
N GLU A 429 -27.02 43.54 -21.35
CA GLU A 429 -28.11 43.51 -20.38
C GLU A 429 -28.39 42.07 -19.94
N LEU A 430 -28.08 41.13 -20.83
CA LEU A 430 -28.40 39.72 -20.65
C LEU A 430 -27.40 39.03 -19.75
N LEU A 431 -26.17 39.52 -19.72
CA LEU A 431 -25.18 39.03 -18.76
C LEU A 431 -25.53 39.52 -17.35
N GLU A 432 -25.80 40.82 -17.19
CA GLU A 432 -26.22 41.37 -15.91
C GLU A 432 -27.30 40.46 -15.30
N LEU A 433 -27.95 39.70 -16.18
CA LEU A 433 -29.07 38.84 -15.78
C LEU A 433 -28.62 37.45 -15.37
N VAL A 434 -27.50 37.00 -15.94
CA VAL A 434 -26.95 35.73 -15.53
C VAL A 434 -26.28 35.92 -14.18
N GLU A 435 -25.38 36.89 -14.07
CA GLU A 435 -24.78 37.24 -12.78
C GLU A 435 -25.85 37.24 -11.70
N MET A 436 -26.96 37.93 -11.94
CA MET A 436 -28.07 37.96 -10.99
C MET A 436 -28.47 36.58 -10.48
N GLU A 437 -28.47 35.60 -11.37
CA GLU A 437 -28.83 34.23 -11.02
C GLU A 437 -27.76 33.59 -10.16
N VAL A 438 -26.59 33.41 -10.74
CA VAL A 438 -25.47 32.79 -10.05
C VAL A 438 -25.13 33.53 -8.77
N ARG A 439 -25.62 34.76 -8.63
CA ARG A 439 -25.35 35.55 -7.43
C ARG A 439 -26.33 35.19 -6.33
N GLU A 440 -27.55 34.85 -6.72
CA GLU A 440 -28.53 34.47 -5.74
C GLU A 440 -28.37 33.01 -5.33
N LEU A 441 -28.22 32.12 -6.30
CA LEU A 441 -27.92 30.71 -6.01
C LEU A 441 -26.87 30.57 -4.91
N LEU A 442 -25.79 31.32 -4.99
CA LEU A 442 -24.75 31.22 -4.00
C LEU A 442 -25.28 31.52 -2.62
N SER A 443 -26.03 32.62 -2.51
CA SER A 443 -26.39 33.14 -1.20
C SER A 443 -27.47 32.29 -0.57
N GLN A 444 -27.98 31.34 -1.35
CA GLN A 444 -28.98 30.41 -0.86
C GLN A 444 -28.25 29.32 -0.08
N TYR A 445 -26.94 29.27 -0.29
CA TYR A 445 -26.07 28.31 0.37
C TYR A 445 -25.01 29.05 1.18
N ASP A 446 -25.44 30.16 1.78
CA ASP A 446 -24.72 30.88 2.82
C ASP A 446 -23.34 31.31 2.38
N PHE A 447 -23.16 31.40 1.08
CA PHE A 447 -21.95 31.96 0.52
C PHE A 447 -22.16 33.43 0.27
N PRO A 448 -21.15 34.25 0.57
CA PRO A 448 -21.21 35.72 0.40
C PRO A 448 -21.50 36.10 -1.06
N GLY A 449 -22.74 35.89 -1.50
CA GLY A 449 -23.08 35.95 -2.92
C GLY A 449 -23.34 37.32 -3.49
N ASP A 450 -23.45 38.32 -2.62
CA ASP A 450 -23.60 39.72 -3.05
C ASP A 450 -22.22 40.34 -3.27
N ASP A 451 -21.31 40.04 -2.35
CA ASP A 451 -19.96 40.58 -2.39
C ASP A 451 -18.93 39.60 -3.06
N THR A 452 -19.42 38.65 -3.89
CA THR A 452 -18.59 37.59 -4.49
C THR A 452 -18.08 37.89 -5.92
N PRO A 453 -16.75 37.92 -6.12
CA PRO A 453 -16.18 38.35 -7.40
C PRO A 453 -16.62 37.50 -8.57
N ILE A 454 -17.13 38.16 -9.62
CA ILE A 454 -17.57 37.47 -10.82
C ILE A 454 -17.03 38.08 -12.10
N VAL A 455 -16.16 37.35 -12.79
CA VAL A 455 -15.55 37.85 -14.03
C VAL A 455 -16.27 37.38 -15.31
N ARG A 456 -16.36 38.27 -16.29
CA ARG A 456 -16.91 37.92 -17.59
C ARG A 456 -15.75 37.83 -18.55
N GLY A 457 -15.63 36.72 -19.25
CA GLY A 457 -14.55 36.57 -20.21
C GLY A 457 -14.78 35.41 -21.14
N SER A 458 -13.70 34.93 -21.75
CA SER A 458 -13.75 33.71 -22.55
C SER A 458 -12.42 32.98 -22.45
N ALA A 459 -12.48 31.65 -22.56
CA ALA A 459 -11.28 30.83 -22.43
C ALA A 459 -10.68 30.56 -23.79
N LEU A 460 -11.53 30.16 -24.73
CA LEU A 460 -11.13 29.90 -26.10
C LEU A 460 -10.38 31.09 -26.69
N LYS A 461 -10.98 32.28 -26.57
CA LYS A 461 -10.40 33.50 -27.10
C LYS A 461 -9.04 33.81 -26.48
N ALA A 462 -8.96 33.69 -25.16
CA ALA A 462 -7.73 33.94 -24.43
C ALA A 462 -6.58 33.05 -24.92
N LEU A 463 -6.91 31.87 -25.43
CA LEU A 463 -5.91 30.99 -26.00
C LEU A 463 -5.51 31.48 -27.38
N GLU A 464 -6.51 31.98 -28.11
CA GLU A 464 -6.32 32.49 -29.47
C GLU A 464 -5.39 33.72 -29.56
N GLY A 465 -5.01 34.26 -28.40
CA GLY A 465 -4.06 35.35 -28.34
C GLY A 465 -4.71 36.72 -28.34
N ASP A 466 -5.94 36.78 -27.83
CA ASP A 466 -6.77 37.97 -27.87
C ASP A 466 -6.80 38.68 -26.50
N ALA A 467 -5.92 39.67 -26.30
CA ALA A 467 -5.75 40.32 -24.99
C ALA A 467 -7.01 40.99 -24.44
N GLU A 468 -7.90 41.38 -25.35
CA GLU A 468 -9.20 41.93 -24.97
C GLU A 468 -9.91 40.95 -24.04
N TRP A 469 -9.57 39.68 -24.21
CA TRP A 469 -10.07 38.60 -23.37
C TRP A 469 -8.96 38.01 -22.50
N GLU A 470 -7.72 38.18 -22.93
CA GLU A 470 -6.57 37.71 -22.13
C GLU A 470 -6.49 38.47 -20.83
N ALA A 471 -7.15 39.62 -20.79
CA ALA A 471 -7.14 40.47 -19.61
C ALA A 471 -8.04 39.89 -18.52
N LYS A 472 -9.20 39.39 -18.92
CA LYS A 472 -10.16 38.80 -18.01
C LYS A 472 -9.60 37.54 -17.32
N ILE A 473 -8.72 36.81 -18.00
CA ILE A 473 -8.04 35.70 -17.34
C ILE A 473 -7.15 36.25 -16.23
N LEU A 474 -6.31 37.21 -16.58
CA LEU A 474 -5.43 37.86 -15.60
C LEU A 474 -6.25 38.42 -14.44
N GLU A 475 -7.34 39.09 -14.79
CA GLU A 475 -8.30 39.61 -13.81
C GLU A 475 -8.69 38.53 -12.80
N LEU A 476 -9.06 37.35 -13.30
CA LEU A 476 -9.37 36.21 -12.46
C LEU A 476 -8.22 35.88 -11.52
N ALA A 477 -7.03 35.73 -12.10
CA ALA A 477 -5.82 35.49 -11.31
C ALA A 477 -5.67 36.58 -10.27
N GLY A 478 -6.09 37.78 -10.63
CA GLY A 478 -6.07 38.91 -9.73
C GLY A 478 -6.83 38.61 -8.46
N PHE A 479 -7.98 37.95 -8.60
CA PHE A 479 -8.86 37.61 -7.48
C PHE A 479 -8.37 36.46 -6.61
N LEU A 480 -7.58 35.56 -7.18
CA LEU A 480 -6.98 34.50 -6.39
C LEU A 480 -5.94 35.14 -5.50
N ASP A 481 -5.36 36.25 -5.96
CA ASP A 481 -4.27 36.90 -5.23
C ASP A 481 -4.75 37.82 -4.13
N SER A 482 -6.06 38.05 -4.07
CA SER A 482 -6.61 39.05 -3.16
C SER A 482 -7.73 38.50 -2.29
N TYR A 483 -8.67 37.79 -2.93
CA TYR A 483 -9.89 37.31 -2.28
C TYR A 483 -9.66 36.06 -1.44
N ILE A 484 -9.05 35.04 -2.04
CA ILE A 484 -8.63 33.87 -1.30
C ILE A 484 -7.49 34.27 -0.37
N PRO A 485 -7.70 34.12 0.95
CA PRO A 485 -6.73 34.60 1.97
C PRO A 485 -5.48 33.71 2.09
N GLU A 486 -4.34 34.32 2.44
CA GLU A 486 -3.08 33.59 2.61
C GLU A 486 -3.16 32.59 3.77
N PRO A 487 -3.01 31.28 3.46
CA PRO A 487 -3.11 30.19 4.44
C PRO A 487 -1.99 30.21 5.52
N GLU A 488 -2.41 30.41 6.78
CA GLU A 488 -1.48 30.60 7.90
C GLU A 488 -0.35 29.57 7.90
N ARG A 489 0.86 30.03 7.63
CA ARG A 489 2.04 29.18 7.58
C ARG A 489 2.14 28.36 8.87
N ALA A 490 2.50 27.09 8.75
CA ALA A 490 2.58 26.20 9.91
C ALA A 490 3.33 26.87 11.05
N ILE A 491 4.43 27.52 10.67
CA ILE A 491 5.33 28.12 11.64
C ILE A 491 4.59 29.10 12.53
N ASP A 492 3.49 29.64 12.02
CA ASP A 492 2.82 30.77 12.68
C ASP A 492 1.67 30.37 13.60
N LYS A 493 1.31 29.09 13.62
CA LYS A 493 0.27 28.58 14.50
C LYS A 493 0.86 28.27 15.88
N PRO A 494 0.00 28.06 16.91
CA PRO A 494 0.53 27.78 18.26
C PRO A 494 1.35 26.49 18.35
N PHE A 495 2.33 26.46 19.25
CA PHE A 495 3.23 25.32 19.34
C PHE A 495 2.51 24.00 19.63
N LEU A 496 3.00 22.93 19.01
CA LEU A 496 2.43 21.60 19.18
C LEU A 496 3.37 20.50 18.69
N LEU A 497 3.76 19.58 19.57
CA LEU A 497 4.62 18.48 19.15
C LEU A 497 4.07 17.16 19.63
N PRO A 498 3.72 16.27 18.71
CA PRO A 498 3.20 14.94 19.04
C PRO A 498 4.26 14.10 19.75
N ILE A 499 3.99 13.75 21.00
CA ILE A 499 4.93 12.92 21.72
C ILE A 499 5.05 11.55 21.08
N GLU A 500 6.26 11.19 20.74
CA GLU A 500 6.56 9.93 20.07
C GLU A 500 7.17 8.92 21.04
N ASP A 501 8.02 9.39 21.95
CA ASP A 501 8.64 8.53 22.96
C ASP A 501 9.26 9.31 24.11
N VAL A 502 9.17 8.75 25.33
CA VAL A 502 9.60 9.43 26.55
C VAL A 502 10.77 8.69 27.18
N PHE A 503 11.81 9.41 27.55
CA PHE A 503 13.01 8.82 28.16
C PHE A 503 13.30 9.43 29.51
N SER A 504 13.99 8.67 30.37
CA SER A 504 14.54 9.25 31.59
C SER A 504 16.08 9.28 31.53
N ILE A 505 16.62 10.43 31.15
CA ILE A 505 18.05 10.60 30.93
C ILE A 505 18.75 11.02 32.21
N SER A 506 19.76 10.23 32.60
CA SER A 506 20.49 10.41 33.86
C SER A 506 21.17 11.79 34.00
N GLY A 507 20.49 12.72 34.66
CA GLY A 507 21.01 14.08 34.84
C GLY A 507 20.67 15.04 33.71
N ARG A 508 19.53 14.82 33.07
CA ARG A 508 19.01 15.69 32.03
C ARG A 508 17.47 15.60 32.14
N GLY A 509 17.04 15.04 33.28
CA GLY A 509 15.65 14.86 33.57
C GLY A 509 14.89 14.02 32.55
N THR A 510 13.71 14.50 32.20
CA THR A 510 12.86 13.78 31.27
C THR A 510 12.90 14.50 29.91
N VAL A 511 12.76 13.73 28.84
CA VAL A 511 12.84 14.26 27.49
C VAL A 511 11.92 13.50 26.52
N VAL A 512 11.22 14.24 25.67
CA VAL A 512 10.37 13.64 24.65
C VAL A 512 10.95 13.92 23.27
N THR A 513 10.77 13.00 22.34
CA THR A 513 11.19 13.24 20.96
C THR A 513 10.00 13.26 20.01
N GLY A 514 10.08 14.08 18.98
CA GLY A 514 8.99 14.19 18.04
C GLY A 514 9.33 15.09 16.88
N ARG A 515 8.33 15.32 16.04
CA ARG A 515 8.42 16.36 15.03
C ARG A 515 7.47 17.46 15.47
N VAL A 516 8.02 18.64 15.76
CA VAL A 516 7.17 19.77 16.06
C VAL A 516 6.35 20.10 14.81
N GLU A 517 5.03 19.95 14.95
CA GLU A 517 4.10 20.01 13.83
C GLU A 517 3.66 21.44 13.49
N ARG A 518 3.61 22.29 14.52
CA ARG A 518 3.22 23.69 14.35
C ARG A 518 3.96 24.54 15.36
N GLY A 519 4.02 25.83 15.08
CA GLY A 519 4.58 26.79 16.01
C GLY A 519 6.08 26.64 16.22
N ILE A 520 6.55 27.23 17.31
CA ILE A 520 7.96 27.21 17.70
C ILE A 520 8.07 27.13 19.21
N ILE A 521 9.10 26.45 19.69
CA ILE A 521 9.40 26.43 21.12
C ILE A 521 10.81 26.94 21.40
N LYS A 522 10.89 27.95 22.26
CA LYS A 522 12.17 28.45 22.75
C LYS A 522 12.43 27.78 24.08
N VAL A 523 13.71 27.61 24.41
CA VAL A 523 14.07 27.06 25.71
C VAL A 523 13.44 27.96 26.76
N GLY A 524 13.15 27.40 27.94
CA GLY A 524 12.58 28.19 29.01
C GLY A 524 11.07 28.35 28.99
N GLU A 525 10.47 28.27 27.80
CA GLU A 525 9.03 28.49 27.66
C GLU A 525 8.16 27.49 28.44
N GLU A 526 6.87 27.82 28.58
CA GLU A 526 5.89 26.99 29.28
C GLU A 526 5.15 26.06 28.31
N VAL A 527 5.14 24.76 28.62
CA VAL A 527 4.43 23.81 27.77
C VAL A 527 3.45 22.96 28.56
N GLU A 528 2.38 22.53 27.91
CA GLU A 528 1.46 21.55 28.51
C GLU A 528 1.70 20.20 27.83
N ILE A 529 1.65 19.13 28.62
CA ILE A 529 1.63 17.78 28.05
C ILE A 529 0.25 17.13 28.24
N VAL A 530 -0.54 17.21 27.18
CA VAL A 530 -1.95 16.86 27.22
C VAL A 530 -2.30 15.73 26.25
N GLY A 531 -3.27 14.92 26.63
CA GLY A 531 -3.68 13.82 25.79
C GLY A 531 -4.49 12.76 26.53
N ILE A 532 -3.81 11.89 27.26
CA ILE A 532 -4.43 10.64 27.70
C ILE A 532 -4.79 10.61 29.19
N LYS A 533 -4.04 11.36 30.00
CA LYS A 533 -4.34 11.49 31.41
C LYS A 533 -4.71 12.94 31.72
N GLU A 534 -4.69 13.34 33.00
CA GLU A 534 -5.04 14.72 33.33
C GLU A 534 -4.02 15.68 32.74
N THR A 535 -4.42 16.32 31.65
CA THR A 535 -3.58 17.33 31.00
C THR A 535 -2.57 17.97 31.98
N GLN A 536 -1.29 17.67 31.78
CA GLN A 536 -0.25 18.21 32.66
C GLN A 536 0.53 19.37 32.03
N LYS A 537 1.28 20.09 32.86
CA LYS A 537 2.10 21.21 32.41
C LYS A 537 3.52 21.08 32.90
N SER A 538 4.41 21.79 32.25
CA SER A 538 5.81 21.79 32.64
C SER A 538 6.51 22.97 31.96
N THR A 539 7.82 23.04 32.08
CA THR A 539 8.56 24.09 31.41
C THR A 539 9.77 23.52 30.67
N CYS A 540 10.03 24.07 29.49
CA CYS A 540 11.04 23.52 28.60
C CYS A 540 12.46 23.82 29.02
N THR A 541 13.15 22.76 29.42
CA THR A 541 14.54 22.84 29.86
C THR A 541 15.54 22.86 28.68
N GLY A 542 15.15 22.31 27.52
CA GLY A 542 16.07 22.27 26.40
C GLY A 542 15.61 21.65 25.09
N VAL A 543 16.35 21.93 24.01
CA VAL A 543 15.99 21.47 22.68
C VAL A 543 17.24 21.00 21.97
N GLU A 544 17.23 19.76 21.49
CA GLU A 544 18.45 19.19 20.91
C GLU A 544 18.25 18.17 19.80
N MET A 545 19.13 18.22 18.81
CA MET A 545 19.13 17.21 17.76
C MET A 545 20.38 16.35 17.96
N PHE A 546 20.66 15.48 17.01
CA PHE A 546 21.85 14.66 17.15
C PHE A 546 23.12 15.50 17.10
N ARG A 547 23.22 16.39 16.11
CA ARG A 547 24.40 17.24 15.93
C ARG A 547 24.31 18.51 16.77
N LYS A 548 23.44 19.41 16.34
CA LYS A 548 23.27 20.72 16.97
C LYS A 548 22.39 20.65 18.21
N LEU A 549 22.79 21.34 19.26
CA LEU A 549 21.91 21.54 20.40
C LEU A 549 21.48 23.00 20.30
N LEU A 550 20.19 23.24 20.09
CA LEU A 550 19.70 24.61 19.93
C LEU A 550 18.78 25.03 21.05
N ASP A 551 18.27 26.27 20.95
CA ASP A 551 17.42 26.86 21.98
C ASP A 551 15.98 27.12 21.51
N GLU A 552 15.74 26.88 20.22
CA GLU A 552 14.39 26.94 19.66
C GLU A 552 14.15 25.80 18.66
N GLY A 553 13.02 25.12 18.83
CA GLY A 553 12.56 24.14 17.86
C GLY A 553 11.53 24.75 16.94
N ARG A 554 11.85 24.83 15.65
CA ARG A 554 10.96 25.39 14.64
C ARG A 554 10.09 24.31 13.97
N ALA A 555 8.86 24.66 13.63
CA ALA A 555 7.98 23.73 12.92
C ALA A 555 8.70 22.91 11.82
N GLY A 556 8.46 21.59 11.82
CA GLY A 556 8.94 20.75 10.72
C GLY A 556 10.22 20.01 11.06
N GLU A 557 10.74 20.31 12.24
CA GLU A 557 12.03 19.80 12.67
C GLU A 557 11.83 18.61 13.60
N ASN A 558 12.60 17.55 13.38
CA ASN A 558 12.56 16.37 14.25
C ASN A 558 13.50 16.53 15.43
N VAL A 559 12.95 16.93 16.57
CA VAL A 559 13.76 17.24 17.74
C VAL A 559 13.45 16.42 18.97
N GLY A 560 14.12 16.78 20.06
CA GLY A 560 13.88 16.25 21.39
C GLY A 560 13.73 17.41 22.34
N VAL A 561 12.68 17.40 23.14
CA VAL A 561 12.40 18.49 24.06
C VAL A 561 12.67 18.04 25.49
N LEU A 562 13.33 18.91 26.26
CA LEU A 562 13.68 18.63 27.63
C LEU A 562 12.67 19.24 28.58
N LEU A 563 12.34 18.50 29.63
CA LEU A 563 11.32 18.90 30.58
C LEU A 563 11.91 18.91 31.97
N ARG A 564 11.18 19.53 32.89
CA ARG A 564 11.57 19.53 34.29
C ARG A 564 10.35 19.35 35.18
N GLY A 565 10.53 18.61 36.26
CA GLY A 565 9.48 18.45 37.25
C GLY A 565 8.40 17.50 36.77
N ILE A 566 8.83 16.38 36.19
CA ILE A 566 7.90 15.41 35.68
C ILE A 566 8.61 14.09 35.41
N LYS A 567 8.20 13.05 36.15
CA LYS A 567 8.73 11.70 35.96
C LYS A 567 8.30 11.13 34.59
N ARG A 568 9.19 10.38 33.94
CA ARG A 568 8.93 9.89 32.59
C ARG A 568 7.84 8.81 32.51
N GLU A 569 7.21 8.54 33.65
CA GLU A 569 6.17 7.51 33.75
C GLU A 569 4.78 8.12 33.73
N GLU A 570 4.73 9.45 33.75
CA GLU A 570 3.46 10.18 33.72
C GLU A 570 3.15 10.67 32.32
N ILE A 571 3.96 10.22 31.35
CA ILE A 571 3.78 10.57 29.95
C ILE A 571 3.63 9.32 29.10
N GLU A 572 2.73 9.37 28.13
CA GLU A 572 2.52 8.25 27.23
C GLU A 572 2.77 8.72 25.81
N ARG A 573 2.74 7.80 24.85
CA ARG A 573 2.85 8.16 23.45
C ARG A 573 1.47 8.56 23.01
N GLY A 574 1.38 9.43 22.01
CA GLY A 574 0.09 9.90 21.54
C GLY A 574 -0.23 11.27 22.11
N GLN A 575 -0.01 11.43 23.41
CA GLN A 575 -0.01 12.73 24.05
C GLN A 575 0.68 13.78 23.20
N VAL A 576 0.28 15.04 23.34
CA VAL A 576 0.98 16.12 22.67
C VAL A 576 1.85 16.91 23.63
N LEU A 577 2.00 18.20 23.33
CA LEU A 577 2.89 19.07 24.06
C LEU A 577 2.76 20.42 23.38
N ALA A 578 1.91 21.30 23.92
CA ALA A 578 1.55 22.56 23.25
C ALA A 578 1.54 23.75 24.17
N LYS A 579 1.53 24.94 23.58
CA LYS A 579 1.39 26.18 24.32
C LYS A 579 0.07 26.11 25.05
N PRO A 580 0.12 26.23 26.39
CA PRO A 580 -1.00 26.00 27.30
C PRO A 580 -2.32 26.63 26.86
N GLY A 581 -3.37 25.81 26.67
CA GLY A 581 -4.67 26.33 26.29
C GLY A 581 -4.90 26.39 24.80
N THR A 582 -3.84 26.12 24.05
CA THR A 582 -3.87 26.05 22.60
C THR A 582 -4.82 24.92 22.15
N ILE A 583 -4.76 23.82 22.90
CA ILE A 583 -5.35 22.53 22.55
C ILE A 583 -5.90 21.81 23.80
N LYS A 584 -6.93 20.99 23.61
CA LYS A 584 -7.65 20.35 24.73
C LYS A 584 -8.06 18.89 24.45
N PRO A 585 -8.07 18.05 25.50
CA PRO A 585 -8.27 16.59 25.37
C PRO A 585 -9.72 16.23 25.13
N HIS A 586 -10.02 15.56 24.02
CA HIS A 586 -11.41 15.21 23.76
C HIS A 586 -11.71 13.73 23.52
N THR A 587 -12.94 13.35 23.83
CA THR A 587 -13.40 11.97 23.71
C THR A 587 -14.51 11.79 22.65
N LYS A 588 -15.44 12.73 22.55
CA LYS A 588 -16.57 12.57 21.65
C LYS A 588 -16.53 13.63 20.58
N PHE A 589 -16.72 13.21 19.33
CA PHE A 589 -16.70 14.13 18.21
C PHE A 589 -17.46 13.56 17.02
N GLU A 590 -17.84 14.45 16.12
CA GLU A 590 -18.49 14.05 14.89
C GLU A 590 -17.43 14.15 13.81
N SER A 591 -17.55 13.35 12.77
CA SER A 591 -16.55 13.41 11.70
C SER A 591 -17.10 13.06 10.33
N GLU A 592 -16.19 12.93 9.38
CA GLU A 592 -16.48 12.40 8.06
C GLU A 592 -15.32 11.52 7.74
N VAL A 593 -15.61 10.27 7.42
CA VAL A 593 -14.56 9.31 7.13
C VAL A 593 -14.78 8.74 5.76
N TYR A 594 -13.71 8.30 5.13
CA TYR A 594 -13.83 7.51 3.92
C TYR A 594 -13.34 6.11 4.22
N ILE A 595 -14.15 5.09 3.94
CA ILE A 595 -13.75 3.71 4.20
C ILE A 595 -13.11 3.06 2.98
N LEU A 596 -11.85 2.66 3.13
CA LEU A 596 -11.06 2.08 2.05
C LEU A 596 -11.81 0.97 1.37
N SER A 597 -11.85 0.99 0.05
CA SER A 597 -12.49 -0.09 -0.70
C SER A 597 -11.68 -1.36 -0.61
N LYS A 598 -12.15 -2.39 -1.29
CA LYS A 598 -11.46 -3.67 -1.30
C LYS A 598 -10.12 -3.51 -2.02
N ASP A 599 -10.17 -3.09 -3.29
CA ASP A 599 -8.99 -3.01 -4.16
C ASP A 599 -7.94 -1.99 -3.71
N GLU A 600 -8.18 -1.33 -2.58
CA GLU A 600 -7.20 -0.45 -1.98
C GLU A 600 -6.80 -1.04 -0.63
N GLY A 601 -7.11 -2.33 -0.48
CA GLY A 601 -6.62 -3.12 0.63
C GLY A 601 -7.24 -2.80 1.97
N GLY A 602 -8.50 -2.37 1.93
CA GLY A 602 -9.24 -2.05 3.15
C GLY A 602 -10.10 -3.23 3.51
N ARG A 603 -11.18 -2.98 4.23
CA ARG A 603 -12.13 -4.06 4.46
C ARG A 603 -12.58 -4.65 3.12
N HIS A 604 -13.19 -5.82 3.15
CA HIS A 604 -13.86 -6.33 1.96
C HIS A 604 -15.23 -6.85 2.41
N THR A 605 -15.63 -6.42 3.60
CA THR A 605 -16.89 -6.81 4.19
C THR A 605 -17.51 -5.62 4.92
N PRO A 606 -18.77 -5.31 4.59
CA PRO A 606 -19.43 -4.17 5.22
C PRO A 606 -19.46 -4.34 6.71
N PHE A 607 -19.54 -3.24 7.45
CA PHE A 607 -19.78 -3.35 8.87
C PHE A 607 -21.14 -2.72 9.13
N PHE A 608 -21.61 -2.76 10.38
CA PHE A 608 -22.94 -2.23 10.72
C PHE A 608 -22.93 -1.39 11.97
N LYS A 609 -23.99 -1.52 12.77
CA LYS A 609 -24.13 -0.73 13.99
C LYS A 609 -22.92 -0.70 14.91
N GLY A 610 -22.36 -1.88 15.19
CA GLY A 610 -21.39 -2.03 16.27
C GLY A 610 -19.96 -1.56 16.09
N TYR A 611 -19.51 -1.43 14.85
CA TYR A 611 -18.10 -1.20 14.49
C TYR A 611 -17.24 -0.64 15.62
N ARG A 612 -16.19 -1.38 15.98
CA ARG A 612 -15.33 -1.00 17.11
C ARG A 612 -13.84 -1.12 16.79
N PRO A 613 -13.36 -0.22 15.93
CA PRO A 613 -12.00 -0.18 15.41
C PRO A 613 -11.09 0.67 16.28
N GLN A 614 -9.87 0.89 15.79
CA GLN A 614 -8.95 1.79 16.46
C GLN A 614 -8.73 3.01 15.59
N PHE A 615 -8.48 4.13 16.24
CA PHE A 615 -8.30 5.38 15.54
C PHE A 615 -6.89 5.84 15.79
N TYR A 616 -6.13 5.99 14.71
CA TYR A 616 -4.76 6.42 14.83
C TYR A 616 -4.76 7.92 14.67
N PHE A 617 -4.22 8.63 15.65
CA PHE A 617 -4.23 10.10 15.59
C PHE A 617 -2.97 10.80 15.10
N ARG A 618 -1.98 10.98 15.96
CA ARG A 618 -0.70 11.41 15.42
C ARG A 618 0.30 10.26 15.52
N THR A 619 0.31 9.59 16.68
CA THR A 619 1.36 8.62 16.98
C THR A 619 0.89 7.36 17.68
N THR A 620 -0.40 7.25 17.99
CA THR A 620 -0.89 5.99 18.55
C THR A 620 -2.37 5.66 18.29
N ASP A 621 -2.63 4.37 18.05
CA ASP A 621 -3.98 3.84 17.93
C ASP A 621 -4.77 4.24 19.16
N VAL A 622 -6.09 4.25 19.04
CA VAL A 622 -6.98 4.29 20.20
C VAL A 622 -8.38 3.87 19.81
N THR A 623 -9.01 3.07 20.67
CA THR A 623 -10.28 2.42 20.37
C THR A 623 -11.48 3.35 20.51
N GLY A 624 -12.53 3.10 19.73
CA GLY A 624 -13.77 3.83 19.88
C GLY A 624 -14.95 3.15 19.22
N THR A 625 -16.15 3.44 19.75
CA THR A 625 -17.37 3.05 19.07
C THR A 625 -17.86 4.21 18.20
N ILE A 626 -18.51 3.88 17.09
CA ILE A 626 -19.08 4.90 16.23
C ILE A 626 -20.60 4.72 16.23
N GLU A 627 -21.34 5.74 15.79
CA GLU A 627 -22.78 5.60 15.56
C GLU A 627 -23.21 6.16 14.21
N LEU A 628 -23.49 5.27 13.27
CA LEU A 628 -23.98 5.66 11.97
C LEU A 628 -25.02 6.75 12.13
N PRO A 629 -25.13 7.64 11.14
CA PRO A 629 -26.11 8.72 11.26
C PRO A 629 -27.54 8.20 11.07
N GLU A 630 -28.46 9.15 10.95
CA GLU A 630 -29.89 8.88 10.84
C GLU A 630 -30.33 8.09 9.59
N GLY A 631 -30.50 6.77 9.71
CA GLY A 631 -31.07 6.01 8.62
C GLY A 631 -30.12 5.14 7.79
N VAL A 632 -28.84 5.20 8.12
CA VAL A 632 -27.92 4.21 7.58
C VAL A 632 -27.81 3.08 8.61
N GLU A 633 -27.44 1.89 8.17
CA GLU A 633 -27.36 0.75 9.08
C GLU A 633 -26.34 -0.29 8.59
N MET A 634 -25.93 -0.14 7.35
CA MET A 634 -24.80 -0.90 6.83
C MET A 634 -23.83 0.01 6.10
N VAL A 635 -22.54 -0.26 6.22
CA VAL A 635 -21.51 0.50 5.51
C VAL A 635 -20.56 -0.45 4.82
N MET A 636 -20.16 -0.12 3.60
CA MET A 636 -19.33 -1.01 2.81
C MET A 636 -17.98 -0.41 2.49
N PRO A 637 -17.04 -1.25 2.06
CA PRO A 637 -15.81 -0.69 1.52
C PRO A 637 -16.09 0.22 0.31
N GLY A 638 -15.76 1.51 0.45
CA GLY A 638 -15.91 2.46 -0.65
C GLY A 638 -16.74 3.67 -0.29
N ASP A 639 -17.49 3.58 0.80
CA ASP A 639 -18.41 4.66 1.12
C ASP A 639 -17.74 5.76 1.91
N ASN A 640 -17.99 7.02 1.55
CA ASN A 640 -17.77 8.14 2.49
C ASN A 640 -18.91 8.03 3.47
N ILE A 641 -18.83 8.79 4.55
CA ILE A 641 -19.85 8.68 5.57
C ILE A 641 -19.60 9.61 6.76
N LYS A 642 -20.63 10.32 7.19
CA LYS A 642 -20.51 11.05 8.43
C LYS A 642 -20.84 10.08 9.55
N MET A 643 -19.97 10.02 10.56
CA MET A 643 -20.23 9.18 11.73
C MET A 643 -19.77 9.86 13.01
N VAL A 644 -20.32 9.41 14.14
CA VAL A 644 -20.01 9.99 15.44
C VAL A 644 -19.16 9.03 16.27
N VAL A 645 -18.03 9.52 16.75
CA VAL A 645 -17.03 8.66 17.33
C VAL A 645 -16.79 8.93 18.80
N THR A 646 -16.97 7.92 19.62
CA THR A 646 -16.65 8.04 21.04
C THR A 646 -15.48 7.12 21.42
N LEU A 647 -14.38 7.74 21.84
CA LEU A 647 -13.13 7.05 22.15
C LEU A 647 -13.11 6.51 23.57
N ILE A 648 -12.17 5.59 23.79
CA ILE A 648 -12.01 4.95 25.09
C ILE A 648 -11.46 5.96 26.12
N HIS A 649 -10.51 6.78 25.69
CA HIS A 649 -9.99 7.86 26.53
C HIS A 649 -9.41 8.99 25.68
N PRO A 650 -9.41 10.22 26.23
CA PRO A 650 -9.05 11.50 25.59
C PRO A 650 -7.80 11.55 24.71
N ILE A 651 -7.93 12.23 23.57
CA ILE A 651 -6.79 12.66 22.76
C ILE A 651 -6.88 14.17 22.57
N ALA A 652 -5.74 14.85 22.59
CA ALA A 652 -5.74 16.28 22.33
C ALA A 652 -6.13 16.49 20.87
N MET A 653 -7.18 17.28 20.62
CA MET A 653 -7.74 17.46 19.28
C MET A 653 -8.59 18.73 19.09
N ASP A 654 -8.55 19.29 17.87
CA ASP A 654 -9.50 20.32 17.45
C ASP A 654 -9.87 20.06 15.99
N ASP A 655 -10.83 20.82 15.46
CA ASP A 655 -11.36 20.60 14.10
C ASP A 655 -10.30 20.63 13.01
N GLY A 656 -10.35 19.62 12.13
CA GLY A 656 -9.42 19.53 11.02
C GLY A 656 -8.44 18.39 11.22
N LEU A 657 -8.33 17.92 12.46
CA LEU A 657 -7.39 16.85 12.78
C LEU A 657 -7.67 15.57 11.99
N ARG A 658 -6.73 15.15 11.15
CA ARG A 658 -6.92 13.91 10.43
C ARG A 658 -6.49 12.71 11.25
N PHE A 659 -7.27 11.64 11.13
CA PHE A 659 -7.06 10.42 11.88
C PHE A 659 -7.43 9.25 10.99
N ALA A 660 -6.58 8.23 10.98
CA ALA A 660 -6.86 7.08 10.15
C ALA A 660 -7.65 6.07 10.97
N ILE A 661 -8.41 5.22 10.27
CA ILE A 661 -9.15 4.15 10.92
C ILE A 661 -8.34 2.87 10.75
N ARG A 662 -8.07 2.24 11.87
CA ARG A 662 -7.08 1.21 11.91
C ARG A 662 -7.70 -0.03 12.47
N GLU A 663 -7.65 -1.09 11.69
CA GLU A 663 -8.25 -2.34 12.09
C GLU A 663 -7.08 -3.25 12.42
N GLY A 664 -6.72 -3.32 13.69
CA GLY A 664 -5.57 -4.09 14.14
C GLY A 664 -4.54 -4.18 13.03
N GLY A 665 -3.56 -3.29 13.05
CA GLY A 665 -2.50 -3.31 12.07
C GLY A 665 -2.79 -2.55 10.79
N ARG A 666 -3.85 -2.94 10.08
CA ARG A 666 -4.20 -2.31 8.79
C ARG A 666 -5.04 -1.06 8.89
N THR A 667 -4.87 -0.19 7.90
CA THR A 667 -5.75 0.96 7.71
C THR A 667 -6.89 0.62 6.74
N VAL A 668 -8.11 0.87 7.19
CA VAL A 668 -9.28 0.44 6.46
C VAL A 668 -10.12 1.63 6.09
N GLY A 669 -9.70 2.79 6.59
CA GLY A 669 -10.48 3.99 6.48
C GLY A 669 -9.63 5.15 6.89
N ALA A 670 -10.04 6.34 6.50
CA ALA A 670 -9.38 7.58 6.88
C ALA A 670 -10.49 8.54 7.24
N GLY A 671 -10.16 9.66 7.86
CA GLY A 671 -11.22 10.56 8.26
C GLY A 671 -10.77 11.74 9.07
N VAL A 672 -11.58 12.79 9.04
CA VAL A 672 -11.22 14.06 9.67
C VAL A 672 -12.27 14.51 10.68
N VAL A 673 -11.83 15.11 11.77
CA VAL A 673 -12.78 15.64 12.76
C VAL A 673 -13.58 16.87 12.25
N ALA A 674 -14.91 16.78 12.29
CA ALA A 674 -15.78 17.81 11.74
C ALA A 674 -16.31 18.75 12.81
N LYS A 675 -16.86 18.18 13.88
CA LYS A 675 -17.25 18.94 15.07
C LYS A 675 -16.89 18.14 16.32
N VAL A 676 -16.26 18.79 17.29
CA VAL A 676 -15.91 18.10 18.53
C VAL A 676 -17.04 18.19 19.54
N LEU A 677 -17.80 17.11 19.63
CA LEU A 677 -18.96 17.05 20.51
C LEU A 677 -18.57 17.20 21.98
N SER A 678 -19.46 16.78 22.87
CA SER A 678 -19.37 17.18 24.28
C SER A 678 -18.55 16.24 25.16
N GLY A 679 -19.10 15.06 25.46
CA GLY A 679 -18.40 14.14 26.33
C GLY A 679 -19.24 13.11 27.07
N ALA A 680 -19.67 12.08 26.33
CA ALA A 680 -20.28 10.88 26.91
C ALA A 680 -19.49 9.65 26.47
N SER A 700 -16.41 -11.64 21.46
CA SER A 700 -16.43 -10.77 22.64
C SER A 700 -15.25 -11.03 23.58
N SER A 701 -15.45 -11.92 24.57
CA SER A 701 -14.42 -12.26 25.57
C SER A 701 -14.18 -13.78 25.70
N ARG A 702 -13.02 -14.16 26.24
CA ARG A 702 -12.66 -15.57 26.47
C ARG A 702 -11.30 -15.75 27.14
N ASN A 703 -11.30 -15.85 28.48
CA ASN A 703 -10.09 -16.10 29.26
C ASN A 703 -9.81 -17.60 29.46
N SER A 704 -10.78 -18.35 30.03
CA SER A 704 -10.62 -19.80 30.17
C SER A 704 -10.94 -20.43 28.82
N LEU A 705 -10.51 -19.73 27.76
CA LEU A 705 -10.57 -20.23 26.40
C LEU A 705 -9.22 -19.92 25.78
N SER A 706 -8.70 -18.73 26.03
CA SER A 706 -7.31 -18.47 25.69
C SER A 706 -6.45 -19.32 26.61
N ALA A 707 -6.94 -19.52 27.83
CA ALA A 707 -6.27 -20.33 28.83
C ALA A 707 -6.13 -21.78 28.36
N GLN A 708 -7.18 -22.24 27.68
CA GLN A 708 -7.15 -23.57 27.13
C GLN A 708 -6.14 -23.69 26.01
N LEU A 709 -6.10 -22.70 25.13
CA LEU A 709 -5.21 -22.73 23.97
C LEU A 709 -3.74 -22.59 24.39
N ARG A 710 -3.51 -21.61 25.28
CA ARG A 710 -2.21 -21.38 25.91
C ARG A 710 -1.63 -22.67 26.51
N ARG A 711 -2.49 -23.44 27.16
CA ARG A 711 -2.07 -24.62 27.87
C ARG A 711 -1.56 -25.63 26.87
N ALA A 712 -2.25 -25.67 25.73
CA ALA A 712 -2.02 -26.64 24.67
C ALA A 712 -0.77 -26.26 23.94
N ALA A 713 -0.65 -24.98 23.66
CA ALA A 713 0.48 -24.45 22.94
C ALA A 713 1.75 -24.89 23.66
N ASN A 714 1.71 -24.78 24.97
CA ASN A 714 2.86 -25.09 25.80
C ASN A 714 3.00 -26.57 26.05
N THR A 715 1.97 -27.32 25.67
CA THR A 715 2.09 -28.76 25.78
C THR A 715 3.30 -29.09 24.94
N ARG A 716 3.71 -30.34 24.95
CA ARG A 716 4.77 -30.73 24.08
C ARG A 716 4.30 -31.95 23.31
N ILE A 717 4.05 -31.74 22.02
CA ILE A 717 3.84 -32.86 21.10
C ILE A 717 4.96 -33.90 21.30
N GLU A 718 4.60 -35.18 21.39
CA GLU A 718 5.65 -36.21 21.60
C GLU A 718 5.42 -37.57 20.94
N VAL A 719 6.46 -38.10 20.30
CA VAL A 719 6.36 -39.37 19.55
C VAL A 719 7.62 -40.19 19.55
N GLU A 720 7.50 -41.40 19.00
CA GLU A 720 8.61 -42.32 18.87
C GLU A 720 9.53 -41.91 17.71
N GLY A 721 10.72 -41.40 18.06
CA GLY A 721 11.76 -41.16 17.08
C GLY A 721 11.77 -39.86 16.28
N ASN A 722 11.85 -40.00 14.95
CA ASN A 722 12.05 -38.84 14.10
C ASN A 722 10.73 -38.46 13.45
N LEU A 723 10.00 -37.59 14.13
CA LEU A 723 8.68 -37.20 13.65
C LEU A 723 8.79 -36.58 12.27
N ALA A 724 9.85 -35.82 12.07
CA ALA A 724 10.08 -35.12 10.81
C ALA A 724 10.30 -36.12 9.70
N LEU A 725 11.32 -36.97 9.87
CA LEU A 725 11.61 -38.02 8.92
C LEU A 725 10.36 -38.78 8.55
N SER A 726 9.43 -38.92 9.49
CA SER A 726 8.23 -39.74 9.29
C SER A 726 7.27 -39.08 8.37
N ILE A 727 7.08 -37.79 8.56
CA ILE A 727 6.24 -37.01 7.67
C ILE A 727 6.79 -37.03 6.23
N ALA A 728 8.11 -36.87 6.12
CA ALA A 728 8.75 -36.86 4.80
C ALA A 728 8.51 -38.17 4.09
N ASN A 729 8.73 -39.28 4.80
CA ASN A 729 8.56 -40.61 4.23
C ASN A 729 7.13 -40.98 3.91
N ASP A 730 6.19 -40.66 4.80
CA ASP A 730 4.79 -40.93 4.49
C ASP A 730 4.38 -40.10 3.28
N LEU A 731 4.99 -38.94 3.12
CA LEU A 731 4.66 -38.07 2.01
C LEU A 731 5.15 -38.63 0.66
N LEU A 732 6.39 -39.09 0.65
CA LEU A 732 6.95 -39.75 -0.51
C LEU A 732 6.05 -40.89 -0.93
N LEU A 733 5.77 -41.79 0.01
CA LEU A 733 4.79 -42.85 -0.18
C LEU A 733 3.46 -42.36 -0.76
N ALA A 734 2.91 -41.28 -0.21
CA ALA A 734 1.59 -40.83 -0.65
C ALA A 734 1.64 -40.23 -2.04
N TYR A 735 2.85 -40.08 -2.58
CA TYR A 735 3.02 -39.59 -3.95
C TYR A 735 3.60 -40.67 -4.88
N GLY A 736 3.90 -41.82 -4.30
CA GLY A 736 4.36 -43.00 -5.02
C GLY A 736 5.86 -43.06 -5.21
N GLN A 737 6.61 -42.75 -4.17
CA GLN A 737 8.06 -42.68 -4.31
C GLN A 737 8.80 -43.35 -3.18
N SER A 738 9.84 -44.10 -3.52
CA SER A 738 10.59 -44.89 -2.54
C SER A 738 11.05 -43.99 -1.39
N PRO A 739 10.65 -44.31 -0.17
CA PRO A 739 10.98 -43.42 0.94
C PRO A 739 12.46 -43.54 1.29
N PHE A 740 13.00 -42.60 2.07
CA PHE A 740 14.38 -42.72 2.55
C PHE A 740 14.43 -43.88 3.53
N ASN A 741 15.51 -44.64 3.52
CA ASN A 741 15.62 -45.75 4.44
C ASN A 741 16.67 -45.50 5.54
N SER A 742 17.58 -44.58 5.27
CA SER A 742 18.48 -44.10 6.30
C SER A 742 18.54 -42.58 6.29
N GLU A 743 18.69 -41.98 7.47
CA GLU A 743 18.92 -40.53 7.59
C GLU A 743 20.01 -40.13 6.61
N ALA A 744 20.92 -41.07 6.35
CA ALA A 744 22.02 -40.88 5.41
C ALA A 744 21.58 -40.42 4.01
N GLU A 745 20.44 -40.93 3.52
CA GLU A 745 19.92 -40.53 2.21
C GLU A 745 19.35 -39.12 2.19
N CYS A 746 18.65 -38.73 3.25
CA CYS A 746 17.95 -37.44 3.29
C CYS A 746 18.82 -36.33 2.73
N ILE A 747 20.11 -36.39 3.03
CA ILE A 747 21.05 -35.33 2.69
C ILE A 747 22.07 -35.77 1.64
N SER A 748 21.68 -36.73 0.82
CA SER A 748 22.57 -37.32 -0.17
C SER A 748 21.74 -37.79 -1.35
N PHE A 749 20.62 -37.13 -1.59
CA PHE A 749 19.74 -37.56 -2.66
C PHE A 749 19.87 -36.68 -3.90
N SER A 750 19.96 -37.32 -5.06
CA SER A 750 20.13 -36.63 -6.32
C SER A 750 18.89 -36.75 -7.19
N PRO A 751 18.25 -35.62 -7.52
CA PRO A 751 16.98 -35.53 -8.27
C PRO A 751 17.19 -35.81 -9.74
N ARG A 752 16.11 -36.11 -10.45
CA ARG A 752 16.18 -36.40 -11.87
C ARG A 752 15.66 -35.18 -12.59
N PHE A 753 16.43 -34.63 -13.52
CA PHE A 753 16.05 -33.37 -14.16
C PHE A 753 15.25 -33.51 -15.45
N ASP A 754 14.42 -34.55 -15.51
CA ASP A 754 13.44 -34.76 -16.57
C ASP A 754 12.18 -35.29 -15.90
N GLY A 755 11.09 -35.38 -16.65
CA GLY A 755 9.88 -35.91 -16.10
C GLY A 755 8.92 -34.76 -16.17
N THR A 756 7.62 -35.05 -16.20
CA THR A 756 6.63 -33.98 -16.21
C THR A 756 6.88 -33.12 -14.99
N PRO A 757 6.42 -31.87 -15.03
CA PRO A 757 6.62 -31.00 -13.87
C PRO A 757 6.08 -31.59 -12.54
N ASP A 758 5.27 -32.64 -12.61
CA ASP A 758 4.77 -33.25 -11.39
C ASP A 758 5.66 -34.38 -10.92
N ASP A 759 6.20 -35.19 -11.83
CA ASP A 759 7.13 -36.24 -11.44
C ASP A 759 8.36 -35.58 -10.86
N PHE A 760 8.49 -34.28 -11.09
CA PHE A 760 9.66 -33.55 -10.64
C PHE A 760 9.43 -32.85 -9.32
N ARG A 761 8.36 -32.08 -9.24
CA ARG A 761 8.06 -31.32 -8.05
C ARG A 761 8.23 -32.17 -6.81
N ILE A 762 7.78 -33.41 -6.89
CA ILE A 762 7.93 -34.31 -5.76
C ILE A 762 9.36 -34.79 -5.62
N ASN A 763 10.00 -35.03 -6.74
CA ASN A 763 11.34 -35.54 -6.69
C ASN A 763 12.29 -34.53 -6.07
N TYR A 764 11.93 -33.28 -6.26
CA TYR A 764 12.78 -32.20 -5.85
C TYR A 764 12.54 -31.93 -4.39
N LEU A 765 11.26 -31.97 -4.02
CA LEU A 765 10.92 -31.91 -2.62
C LEU A 765 11.60 -33.05 -1.89
N LYS A 766 11.52 -34.26 -2.47
CA LYS A 766 12.20 -35.40 -1.88
C LYS A 766 13.67 -35.16 -1.65
N ALA A 767 14.32 -34.47 -2.57
CA ALA A 767 15.76 -34.23 -2.46
C ALA A 767 16.12 -33.09 -1.52
N GLU A 768 15.26 -32.09 -1.43
CA GLU A 768 15.61 -30.88 -0.67
C GLU A 768 15.00 -30.81 0.73
N ILE A 769 13.90 -31.51 0.98
CA ILE A 769 13.06 -31.29 2.19
C ILE A 769 13.75 -31.54 3.53
N MET A 770 14.57 -32.58 3.57
CA MET A 770 15.27 -32.92 4.80
C MET A 770 16.69 -32.39 4.81
N SER A 771 17.20 -32.00 3.65
CA SER A 771 18.59 -31.53 3.55
C SER A 771 19.10 -30.65 4.69
N LYS A 772 18.28 -29.73 5.21
CA LYS A 772 18.76 -28.76 6.21
C LYS A 772 18.59 -29.11 7.70
N TYR A 773 18.16 -30.34 7.98
CA TYR A 773 17.75 -30.79 9.31
C TYR A 773 18.90 -30.97 10.32
N ASP A 774 18.93 -30.13 11.35
CA ASP A 774 20.06 -30.10 12.27
C ASP A 774 20.14 -31.24 13.25
N ASP A 775 19.20 -32.17 13.19
CA ASP A 775 19.06 -33.12 14.28
C ASP A 775 19.54 -34.52 13.97
N PHE A 776 20.09 -34.69 12.78
CA PHE A 776 20.48 -36.01 12.36
C PHE A 776 21.57 -36.52 13.27
N SER A 777 21.28 -37.63 13.94
CA SER A 777 22.27 -38.29 14.78
C SER A 777 23.33 -38.84 13.85
N LEU A 778 22.92 -39.81 13.04
CA LEU A 778 23.76 -40.41 12.00
C LEU A 778 24.73 -39.42 11.30
N GLY A 779 25.89 -39.26 11.93
CA GLY A 779 26.93 -38.43 11.40
C GLY A 779 28.10 -38.44 12.34
N ILE A 780 29.23 -38.89 11.82
CA ILE A 780 30.53 -38.63 12.42
C ILE A 780 30.78 -37.12 12.35
N ASP A 781 29.71 -36.39 12.04
CA ASP A 781 29.78 -35.02 11.53
C ASP A 781 29.82 -34.03 12.66
N THR A 782 30.36 -32.84 12.36
CA THR A 782 30.55 -31.82 13.39
C THR A 782 30.41 -30.32 12.92
N GLU A 783 31.23 -29.45 13.47
CA GLU A 783 31.32 -28.03 13.10
C GLU A 783 32.81 -27.76 12.97
N ALA A 784 33.57 -28.84 13.05
CA ALA A 784 34.99 -28.79 12.79
C ALA A 784 35.14 -28.76 11.28
N VAL A 785 34.15 -29.32 10.60
CA VAL A 785 34.15 -29.26 9.14
C VAL A 785 33.87 -27.83 8.67
N ALA A 786 33.08 -27.10 9.45
CA ALA A 786 32.83 -25.69 9.17
C ALA A 786 34.13 -24.86 9.22
N TRP A 787 35.02 -25.18 10.16
CA TRP A 787 36.27 -24.44 10.32
C TRP A 787 37.22 -24.82 9.23
N GLU A 788 37.32 -26.11 8.94
CA GLU A 788 38.21 -26.59 7.88
C GLU A 788 37.90 -25.87 6.58
N LYS A 789 36.60 -25.66 6.35
CA LYS A 789 36.10 -24.95 5.18
C LYS A 789 36.54 -23.51 5.25
N PHE A 790 36.50 -22.96 6.43
CA PHE A 790 36.98 -21.61 6.66
C PHE A 790 38.46 -21.49 6.32
N LEU A 791 39.22 -22.49 6.75
CA LEU A 791 40.67 -22.50 6.57
C LEU A 791 41.06 -22.63 5.10
N ALA A 792 40.14 -23.15 4.29
CA ALA A 792 40.42 -23.31 2.86
C ALA A 792 40.17 -22.01 2.10
N ALA A 793 39.07 -21.34 2.41
CA ALA A 793 38.76 -20.05 1.81
C ALA A 793 39.93 -19.09 1.97
N GLU A 794 40.74 -19.33 2.98
CA GLU A 794 41.95 -18.55 3.20
C GLU A 794 43.09 -19.00 2.32
N ALA A 795 43.37 -20.30 2.33
CA ALA A 795 44.36 -20.85 1.42
C ALA A 795 44.02 -20.41 0.01
N GLU A 796 42.73 -20.24 -0.25
CA GLU A 796 42.29 -19.82 -1.56
C GLU A 796 42.74 -18.39 -1.80
N CYS A 797 42.24 -17.45 -1.00
CA CYS A 797 42.64 -16.05 -1.13
C CYS A 797 44.14 -15.86 -1.13
N ALA A 798 44.86 -16.81 -0.53
CA ALA A 798 46.30 -16.78 -0.55
C ALA A 798 46.75 -16.83 -1.99
N LEU A 799 46.56 -17.96 -2.65
CA LEU A 799 47.06 -18.12 -4.01
C LEU A 799 46.64 -16.96 -4.87
N THR A 800 45.37 -16.58 -4.77
CA THR A 800 44.83 -15.59 -5.69
C THR A 800 45.32 -14.15 -5.41
N ASN A 801 45.76 -13.89 -4.18
CA ASN A 801 46.43 -12.63 -3.86
C ASN A 801 47.83 -12.55 -4.45
N ALA A 802 48.45 -13.71 -4.68
CA ALA A 802 49.77 -13.75 -5.29
C ALA A 802 49.60 -13.83 -6.81
N ARG A 803 48.69 -14.68 -7.25
CA ARG A 803 48.40 -14.84 -8.66
C ARG A 803 48.14 -13.50 -9.27
N LEU A 804 47.33 -12.69 -8.58
CA LEU A 804 46.85 -11.44 -9.19
C LEU A 804 47.91 -10.36 -9.19
N TYR A 805 48.99 -10.63 -8.47
CA TYR A 805 50.18 -9.78 -8.49
C TYR A 805 51.36 -10.43 -9.23
N ARG A 806 51.32 -10.29 -10.56
CA ARG A 806 52.34 -10.85 -11.42
C ARG A 806 51.82 -10.98 -12.86
N PRO A 807 51.16 -9.93 -13.40
CA PRO A 807 50.62 -10.05 -14.78
C PRO A 807 51.67 -9.82 -15.88
N ASP A 808 52.87 -10.37 -15.68
CA ASP A 808 54.01 -10.21 -16.59
C ASP A 808 54.39 -11.54 -17.25
N TYR A 809 53.38 -12.32 -17.67
CA TYR A 809 53.60 -13.67 -18.18
C TYR A 809 55.07 -13.88 -18.55
N SER A 810 55.36 -13.53 -19.79
CA SER A 810 56.71 -13.49 -20.30
C SER A 810 56.48 -12.92 -21.67
N GLU A 811 57.06 -11.74 -21.91
CA GLU A 811 56.81 -11.01 -23.15
C GLU A 811 55.40 -10.42 -23.15
N ASP A 812 54.82 -10.31 -24.35
CA ASP A 812 53.47 -9.78 -24.56
C ASP A 812 52.64 -10.65 -25.51
N PHE A 813 53.23 -11.76 -25.96
CA PHE A 813 52.51 -12.76 -26.75
C PHE A 813 51.05 -12.92 -26.27
N ASN A 814 50.87 -13.73 -25.23
CA ASN A 814 49.55 -14.24 -24.82
C ASN A 814 48.72 -13.32 -23.96
N PHE A 815 47.41 -13.43 -24.13
CA PHE A 815 46.43 -12.57 -23.45
C PHE A 815 45.39 -13.43 -22.75
N SER A 816 45.04 -13.04 -21.51
CA SER A 816 44.06 -13.76 -20.67
C SER A 816 42.66 -13.13 -20.64
N LEU A 817 41.64 -13.94 -20.87
CA LEU A 817 40.27 -13.45 -20.71
C LEU A 817 40.11 -12.86 -19.31
N GLY A 818 40.70 -13.54 -18.33
CA GLY A 818 40.65 -13.08 -16.96
C GLY A 818 41.13 -11.64 -16.85
N GLU A 819 42.38 -11.44 -17.26
CA GLU A 819 43.07 -10.17 -17.07
C GLU A 819 42.24 -9.00 -17.64
N SER A 820 41.68 -9.24 -18.82
CA SER A 820 40.94 -8.23 -19.57
C SER A 820 39.62 -7.93 -18.92
N CYS A 821 38.98 -8.97 -18.39
CA CYS A 821 37.74 -8.75 -17.68
C CYS A 821 37.84 -7.86 -16.45
N ILE A 822 38.93 -7.99 -15.68
CA ILE A 822 39.11 -7.13 -14.52
C ILE A 822 39.45 -5.74 -15.02
N HIS A 823 40.00 -5.66 -16.25
CA HIS A 823 40.38 -4.38 -16.85
C HIS A 823 39.17 -3.61 -17.32
N MET A 824 38.17 -4.34 -17.78
CA MET A 824 36.96 -3.69 -18.23
C MET A 824 36.13 -3.40 -17.01
N ALA A 825 36.01 -4.42 -16.18
CA ALA A 825 35.39 -4.35 -14.87
C ALA A 825 35.77 -3.07 -14.17
N ARG A 826 37.09 -2.87 -14.03
CA ARG A 826 37.60 -1.75 -13.26
C ARG A 826 36.94 -0.45 -13.70
N ARG A 827 36.86 -0.25 -15.02
CA ARG A 827 36.42 1.03 -15.58
C ARG A 827 34.95 1.26 -15.33
N LYS A 828 34.16 0.21 -15.55
CA LYS A 828 32.73 0.27 -15.32
C LYS A 828 32.51 0.63 -13.86
N ILE A 829 33.23 -0.07 -12.97
CA ILE A 829 33.06 0.15 -11.55
C ILE A 829 33.27 1.61 -11.32
N ALA A 830 34.39 2.13 -11.81
CA ALA A 830 34.82 3.46 -11.44
C ALA A 830 33.91 4.54 -12.00
N LYS A 831 33.27 4.25 -13.11
CA LYS A 831 32.39 5.26 -13.69
C LYS A 831 31.06 5.29 -12.94
N LEU A 832 30.78 4.18 -12.26
CA LEU A 832 29.53 3.98 -11.51
C LEU A 832 29.64 4.50 -10.09
N ILE A 833 30.76 4.15 -9.45
CA ILE A 833 30.99 4.27 -8.02
C ILE A 833 31.43 5.65 -7.62
N GLY A 834 32.36 6.18 -8.39
CA GLY A 834 32.93 7.49 -8.12
C GLY A 834 34.38 7.41 -7.75
N ASP A 835 34.95 8.58 -7.42
CA ASP A 835 36.35 8.69 -7.02
C ASP A 835 36.63 8.01 -5.66
N VAL A 836 35.70 8.26 -4.74
CA VAL A 836 35.81 7.87 -3.34
C VAL A 836 34.48 8.27 -2.69
N PRO A 837 34.06 7.54 -1.64
CA PRO A 837 32.77 7.71 -0.97
C PRO A 837 32.46 9.15 -0.61
N SER A 838 31.39 9.71 -1.17
CA SER A 838 31.00 11.05 -0.76
C SER A 838 30.82 11.04 0.75
N VAL A 839 30.59 12.21 1.34
CA VAL A 839 30.20 12.27 2.75
C VAL A 839 28.70 12.43 2.78
N GLU A 840 28.15 13.04 1.71
CA GLU A 840 26.69 13.20 1.53
C GLU A 840 25.99 11.88 1.69
N GLY A 841 26.59 10.84 1.11
CA GLY A 841 26.12 9.48 1.28
C GLY A 841 26.66 8.89 2.57
N MET A 842 27.96 9.10 2.81
CA MET A 842 28.66 8.45 3.92
C MET A 842 27.95 8.59 5.24
N LEU A 843 27.44 9.79 5.53
CA LEU A 843 26.82 10.02 6.82
C LEU A 843 25.35 9.62 6.79
N ARG A 844 24.71 9.83 5.65
CA ARG A 844 23.29 9.50 5.51
C ARG A 844 23.03 7.99 5.41
N HIS A 845 24.09 7.19 5.40
CA HIS A 845 23.99 5.74 5.25
C HIS A 845 24.59 4.93 6.40
N CYS A 846 25.22 5.60 7.34
CA CYS A 846 25.85 4.92 8.46
C CYS A 846 24.86 4.80 9.58
N ARG A 847 24.75 3.60 10.12
CA ARG A 847 23.73 3.29 11.10
C ARG A 847 24.23 2.16 12.00
N PHE A 848 23.47 1.84 13.06
CA PHE A 848 23.88 0.74 13.94
C PHE A 848 23.25 -0.60 13.64
N SER A 849 21.96 -0.58 13.37
CA SER A 849 21.14 -1.81 13.29
C SER A 849 21.89 -3.15 13.35
N GLY A 850 21.54 -3.97 14.34
CA GLY A 850 21.88 -5.37 14.21
C GLY A 850 21.77 -6.27 15.41
N GLY A 851 22.85 -7.03 15.60
CA GLY A 851 22.99 -7.91 16.74
C GLY A 851 24.41 -7.78 17.22
N ALA A 852 24.95 -8.90 17.70
CA ALA A 852 26.25 -8.95 18.34
C ALA A 852 27.35 -8.14 17.65
N THR A 853 28.05 -7.35 18.45
CA THR A 853 29.27 -6.72 18.04
C THR A 853 30.38 -7.42 18.82
N THR A 854 31.60 -6.96 18.65
CA THR A 854 32.72 -7.54 19.35
C THR A 854 32.51 -7.36 20.88
N THR A 855 31.84 -6.26 21.25
CA THR A 855 31.57 -5.89 22.66
C THR A 855 30.10 -6.03 23.13
N ASN A 856 29.16 -6.05 22.19
CA ASN A 856 27.77 -6.41 22.50
C ASN A 856 27.50 -7.84 22.07
N ASN A 857 26.43 -8.45 22.57
CA ASN A 857 26.09 -9.81 22.19
C ASN A 857 24.60 -9.91 21.93
N ARG A 858 24.16 -11.00 21.30
CA ARG A 858 22.78 -11.15 20.84
C ARG A 858 21.74 -10.45 21.72
N SER A 859 21.85 -10.65 23.04
CA SER A 859 20.95 -10.07 24.05
C SER A 859 20.99 -8.54 24.05
N TYR A 860 22.20 -7.99 23.92
CA TYR A 860 22.38 -6.54 23.80
C TYR A 860 22.71 -6.14 22.36
N GLY A 861 21.98 -6.72 21.41
CA GLY A 861 22.26 -6.54 19.99
C GLY A 861 21.60 -5.33 19.37
N HIS A 862 20.47 -4.93 19.93
CA HIS A 862 19.66 -3.83 19.44
C HIS A 862 20.48 -2.56 19.35
N PRO A 863 20.28 -1.75 18.30
CA PRO A 863 21.08 -0.54 18.04
C PRO A 863 21.27 0.41 19.24
N SER A 864 20.29 0.50 20.14
CA SER A 864 20.41 1.36 21.31
C SER A 864 21.44 0.87 22.33
N PHE A 865 21.84 -0.39 22.21
CA PHE A 865 22.86 -0.94 23.09
C PHE A 865 24.21 -0.61 22.51
N LYS A 866 24.25 -0.23 21.25
CA LYS A 866 25.50 0.17 20.62
C LYS A 866 25.77 1.64 20.91
N PHE A 867 24.70 2.37 21.25
CA PHE A 867 24.80 3.77 21.63
C PHE A 867 25.02 3.96 23.12
N ALA A 868 24.65 2.96 23.89
CA ALA A 868 24.83 3.01 25.32
C ALA A 868 26.23 2.55 25.65
N LEU A 869 26.56 1.32 25.29
CA LEU A 869 27.88 0.78 25.61
C LEU A 869 28.93 1.19 24.58
N PRO A 870 30.12 1.58 25.07
CA PRO A 870 31.29 1.84 24.22
C PRO A 870 31.65 0.64 23.34
N GLN A 871 31.96 0.95 22.08
CA GLN A 871 32.11 -0.06 21.05
C GLN A 871 33.54 -0.10 20.62
N ALA A 872 34.02 -1.31 20.33
CA ALA A 872 35.38 -1.47 19.87
C ALA A 872 35.49 -0.80 18.51
N CYS A 873 36.69 -0.78 17.94
CA CYS A 873 36.88 -0.08 16.67
C CYS A 873 38.31 -0.23 16.19
N THR A 874 38.49 -0.85 15.04
CA THR A 874 39.83 -1.09 14.52
C THR A 874 40.63 0.23 14.48
N PRO A 875 41.96 0.15 14.66
CA PRO A 875 42.82 1.36 14.66
C PRO A 875 42.58 2.22 13.43
N ARG A 876 42.66 1.59 12.27
CA ARG A 876 42.55 2.28 10.97
C ARG A 876 41.28 3.08 10.80
N ALA A 877 40.24 2.70 11.56
CA ALA A 877 38.89 3.28 11.50
C ALA A 877 38.65 4.39 12.52
N LEU A 878 39.57 4.55 13.46
CA LEU A 878 39.44 5.53 14.54
C LEU A 878 39.11 6.98 14.07
N LYS A 879 39.80 7.43 13.02
CA LYS A 879 39.54 8.74 12.41
C LYS A 879 38.06 9.03 12.11
N TYR A 880 37.33 8.01 11.63
CA TYR A 880 35.95 8.20 11.24
C TYR A 880 35.12 8.38 12.48
N VAL A 881 35.48 7.63 13.54
CA VAL A 881 34.75 7.70 14.80
C VAL A 881 34.91 9.10 15.39
N LEU A 882 36.15 9.59 15.31
CA LEU A 882 36.47 10.92 15.80
C LEU A 882 35.68 11.92 14.99
N ALA A 883 35.62 11.70 13.68
CA ALA A 883 34.89 12.57 12.75
C ALA A 883 33.42 12.62 13.12
N LEU A 884 32.93 11.47 13.60
CA LEU A 884 31.56 11.34 14.07
C LEU A 884 31.39 12.11 15.36
N ARG A 885 32.33 11.85 16.28
CA ARG A 885 32.36 12.48 17.59
C ARG A 885 32.49 13.99 17.49
N ALA A 886 33.16 14.41 16.42
CA ALA A 886 33.49 15.80 16.15
C ALA A 886 32.26 16.56 15.67
N SER A 887 31.23 15.82 15.26
CA SER A 887 30.00 16.41 14.73
C SER A 887 28.78 16.00 15.52
N THR A 888 28.89 16.00 16.84
CA THR A 888 27.76 15.77 17.74
C THR A 888 28.23 16.05 19.17
N HIS A 889 27.32 16.57 19.99
CA HIS A 889 27.67 16.86 21.37
C HIS A 889 27.61 15.59 22.21
N PHE A 890 26.80 14.63 21.79
CA PHE A 890 26.64 13.43 22.59
C PHE A 890 27.96 12.65 22.64
N ASP A 891 28.28 12.17 23.84
CA ASP A 891 29.45 11.34 24.04
C ASP A 891 29.42 10.18 23.06
N ILE A 892 30.41 10.15 22.18
CA ILE A 892 30.59 8.99 21.32
C ILE A 892 31.79 8.23 21.88
N ARG A 893 31.52 7.29 22.77
CA ARG A 893 32.62 6.61 23.42
C ARG A 893 33.10 5.35 22.69
N ILE A 894 34.37 5.32 22.34
CA ILE A 894 34.96 4.08 21.84
C ILE A 894 35.54 3.26 23.01
N SER A 895 35.10 2.00 23.17
CA SER A 895 35.67 1.13 24.19
C SER A 895 37.05 0.80 23.69
N ASP A 896 37.50 -0.46 23.82
CA ASP A 896 38.75 -0.93 23.20
C ASP A 896 39.13 -0.30 21.82
N ILE A 897 40.37 -0.50 21.38
CA ILE A 897 40.78 0.05 20.09
C ILE A 897 41.61 -0.94 19.29
N SER A 898 41.05 -2.13 19.06
CA SER A 898 41.75 -3.27 18.46
C SER A 898 41.44 -3.55 16.96
N PRO A 899 42.35 -4.25 16.26
CA PRO A 899 42.19 -4.63 14.87
C PRO A 899 41.48 -5.97 14.77
N PHE A 900 40.79 -6.37 15.83
CA PHE A 900 40.29 -7.72 15.89
C PHE A 900 38.78 -7.86 15.81
N ASN A 901 38.37 -8.98 15.20
CA ASN A 901 36.97 -9.38 15.09
C ASN A 901 36.89 -10.86 15.46
N LYS A 902 35.68 -11.32 15.81
CA LYS A 902 35.46 -12.68 16.35
C LYS A 902 34.79 -13.60 15.32
N ALA A 903 35.50 -14.67 14.94
CA ALA A 903 34.93 -15.67 14.05
C ALA A 903 34.25 -16.72 14.91
N VAL A 904 33.09 -17.19 14.44
CA VAL A 904 32.24 -18.03 15.26
C VAL A 904 31.54 -19.04 14.38
N THR A 905 30.78 -19.94 15.01
CA THR A 905 30.05 -20.99 14.31
C THR A 905 28.54 -21.05 14.67
N VAL A 906 27.74 -20.48 13.77
CA VAL A 906 26.29 -20.66 13.75
C VAL A 906 25.94 -21.99 13.08
N PRO A 907 25.02 -22.74 13.68
CA PRO A 907 24.50 -23.96 13.04
C PRO A 907 23.81 -23.66 11.70
N LYS A 908 23.83 -24.64 10.80
CA LYS A 908 23.32 -24.47 9.45
C LYS A 908 22.73 -25.79 8.96
N ASN A 909 23.51 -26.52 8.16
CA ASN A 909 23.14 -27.86 7.73
C ASN A 909 23.21 -28.87 8.87
N SER A 910 23.32 -30.11 8.43
CA SER A 910 23.49 -31.26 9.31
C SER A 910 24.75 -31.93 8.80
N LYS A 911 25.37 -31.29 7.80
CA LYS A 911 26.69 -31.69 7.32
C LYS A 911 27.77 -30.63 7.54
N THR A 912 27.36 -29.39 7.72
CA THR A 912 28.31 -28.33 8.01
C THR A 912 27.63 -27.22 8.77
N ASP A 913 28.40 -26.54 9.63
CA ASP A 913 27.89 -25.32 10.25
C ASP A 913 28.22 -24.13 9.36
N ARG A 914 28.02 -22.93 9.89
CA ARG A 914 28.34 -21.73 9.16
C ARG A 914 29.36 -20.91 9.95
N CYS A 915 30.39 -20.43 9.28
CA CYS A 915 31.37 -19.53 9.89
C CYS A 915 30.93 -18.09 9.73
N ILE A 916 30.99 -17.30 10.79
CA ILE A 916 30.64 -15.90 10.63
C ILE A 916 31.61 -14.97 11.41
N ALA A 917 31.56 -13.68 11.15
CA ALA A 917 32.42 -12.77 11.89
C ALA A 917 31.66 -11.57 12.46
N ILE A 918 31.90 -11.31 13.74
CA ILE A 918 31.24 -10.26 14.51
C ILE A 918 32.16 -9.06 14.54
N GLU A 919 31.78 -7.99 13.85
CA GLU A 919 32.71 -6.86 13.69
C GLU A 919 32.74 -5.91 14.87
N PRO A 920 33.89 -5.28 15.10
CA PRO A 920 33.93 -4.17 16.04
C PRO A 920 32.82 -3.22 15.68
N GLY A 921 31.93 -2.95 16.61
CA GLY A 921 30.70 -2.26 16.29
C GLY A 921 30.79 -0.86 15.75
N TRP A 922 31.90 -0.18 15.97
CA TRP A 922 32.06 1.17 15.42
C TRP A 922 32.48 1.07 13.97
N ASN A 923 33.14 -0.02 13.64
CA ASN A 923 33.40 -0.40 12.27
C ASN A 923 32.08 -0.71 11.58
N MET A 924 31.30 -1.59 12.20
CA MET A 924 30.05 -2.01 11.63
C MET A 924 29.12 -0.84 11.40
N PHE A 925 29.32 0.26 12.11
CA PHE A 925 28.47 1.43 11.98
C PHE A 925 28.73 2.04 10.61
N PHE A 926 29.99 2.02 10.21
CA PHE A 926 30.36 2.67 8.97
C PHE A 926 30.35 1.67 7.84
N GLN A 927 30.55 0.40 8.12
CA GLN A 927 30.52 -0.57 7.04
C GLN A 927 29.13 -0.50 6.42
N LEU A 928 28.12 -0.40 7.27
CA LEU A 928 26.76 -0.23 6.80
C LEU A 928 26.64 1.11 6.12
N GLY A 929 27.49 2.02 6.51
CA GLY A 929 27.54 3.28 5.79
C GLY A 929 27.77 3.07 4.31
N ILE A 930 28.92 2.52 3.96
CA ILE A 930 29.30 2.41 2.57
C ILE A 930 28.46 1.34 1.88
N GLY A 931 28.16 0.27 2.60
CA GLY A 931 27.30 -0.77 2.07
C GLY A 931 25.97 -0.23 1.54
N GLY A 932 25.49 0.84 2.14
CA GLY A 932 24.26 1.47 1.70
C GLY A 932 24.47 2.47 0.59
N ILE A 933 25.63 3.11 0.54
CA ILE A 933 25.92 3.96 -0.59
C ILE A 933 26.20 3.12 -1.85
N LEU A 934 26.82 1.96 -1.67
CA LEU A 934 27.02 1.04 -2.78
C LEU A 934 25.66 0.51 -3.27
N ARG A 935 24.80 0.09 -2.35
CA ARG A 935 23.55 -0.52 -2.72
C ARG A 935 22.80 0.40 -3.65
N ASP A 936 22.91 1.68 -3.31
CA ASP A 936 22.20 2.77 -3.93
C ASP A 936 22.72 3.07 -5.33
N ARG A 937 24.04 3.12 -5.46
CA ARG A 937 24.71 3.25 -6.75
C ARG A 937 24.35 2.08 -7.63
N LEU A 938 24.42 0.88 -7.08
CA LEU A 938 24.27 -0.35 -7.83
C LEU A 938 22.95 -0.42 -8.57
N ARG A 939 22.07 0.56 -8.31
CA ARG A 939 20.76 0.66 -8.94
C ARG A 939 20.78 1.29 -10.33
N CYS A 940 21.96 1.54 -10.87
CA CYS A 940 22.05 2.18 -12.17
C CYS A 940 22.51 1.15 -13.15
N TRP A 941 22.72 -0.06 -12.64
CA TRP A 941 23.02 -1.22 -13.46
C TRP A 941 21.78 -2.06 -13.31
N GLY A 942 20.73 -1.38 -12.87
CA GLY A 942 19.42 -1.96 -12.70
C GLY A 942 19.43 -3.11 -11.71
N ILE A 943 20.47 -3.16 -10.89
CA ILE A 943 20.48 -4.12 -9.80
C ILE A 943 19.78 -3.45 -8.65
N ASP A 944 18.71 -4.06 -8.15
CA ASP A 944 18.01 -3.51 -7.01
C ASP A 944 18.01 -4.51 -5.91
N LEU A 945 18.81 -4.24 -4.86
CA LEU A 945 19.08 -5.22 -3.80
C LEU A 945 17.99 -5.39 -2.71
N ASN A 946 16.94 -4.57 -2.75
CA ASN A 946 15.81 -4.74 -1.85
C ASN A 946 14.63 -5.31 -2.58
N ASP A 947 14.84 -6.40 -3.32
CA ASP A 947 13.80 -6.91 -4.20
C ASP A 947 14.32 -8.13 -4.89
N GLN A 948 14.41 -9.25 -4.18
CA GLN A 948 15.00 -10.44 -4.77
C GLN A 948 13.92 -10.93 -5.69
N THR A 949 12.84 -10.17 -5.70
CA THR A 949 11.74 -10.49 -6.56
C THR A 949 12.06 -10.34 -8.05
N ILE A 950 12.73 -9.28 -8.44
CA ILE A 950 13.16 -9.21 -9.82
C ILE A 950 14.18 -10.31 -10.10
N ASN A 951 15.01 -10.65 -9.14
CA ASN A 951 15.95 -11.72 -9.41
C ASN A 951 15.31 -13.13 -9.42
N GLN A 952 14.00 -13.22 -9.26
CA GLN A 952 13.41 -14.55 -9.18
C GLN A 952 12.33 -14.76 -10.22
N ARG A 953 11.90 -13.67 -10.85
CA ARG A 953 11.07 -13.77 -12.03
C ARG A 953 11.93 -14.23 -13.18
N ARG A 954 13.10 -13.63 -13.31
CA ARG A 954 14.09 -14.05 -14.29
C ARG A 954 14.54 -15.48 -13.98
N ALA A 955 14.63 -15.82 -12.69
CA ALA A 955 14.73 -17.22 -12.31
C ALA A 955 13.79 -18.08 -13.19
N HIS A 956 12.53 -17.63 -13.30
CA HIS A 956 11.40 -18.38 -13.89
C HIS A 956 11.31 -18.27 -15.40
N GLU A 957 11.55 -17.07 -15.92
CA GLU A 957 11.67 -16.86 -17.36
C GLU A 957 12.74 -17.76 -17.93
N GLY A 958 13.93 -17.74 -17.35
CA GLY A 958 15.01 -18.56 -17.86
C GLY A 958 14.66 -20.03 -17.91
N SER A 959 13.52 -20.34 -17.34
CA SER A 959 13.16 -21.69 -17.08
C SER A 959 12.20 -22.14 -18.15
N VAL A 960 11.56 -21.20 -18.82
CA VAL A 960 10.79 -21.53 -20.01
C VAL A 960 11.65 -21.25 -21.23
N THR A 961 12.40 -20.16 -21.13
CA THR A 961 13.12 -19.50 -22.21
C THR A 961 14.50 -20.07 -22.47
N ASN A 962 15.17 -20.49 -21.41
CA ASN A 962 16.42 -21.18 -21.53
C ASN A 962 17.53 -20.29 -22.09
N ASN A 963 17.25 -18.99 -22.11
CA ASN A 963 18.27 -18.01 -22.48
C ASN A 963 19.00 -17.37 -21.33
N LEU A 964 18.31 -17.16 -20.20
CA LEU A 964 18.99 -16.70 -18.97
C LEU A 964 19.52 -17.87 -18.20
N ALA A 965 20.71 -17.76 -17.62
CA ALA A 965 21.16 -18.82 -16.71
C ALA A 965 21.17 -18.27 -15.31
N THR A 966 21.19 -19.19 -14.35
CA THR A 966 21.35 -18.89 -12.94
C THR A 966 22.67 -19.54 -12.51
N VAL A 967 23.55 -18.73 -11.91
CA VAL A 967 24.79 -19.26 -11.39
C VAL A 967 24.82 -19.35 -9.85
N ASP A 968 25.57 -20.31 -9.34
CA ASP A 968 25.81 -20.41 -7.91
C ASP A 968 27.28 -20.52 -7.63
N LEU A 969 27.76 -19.66 -6.74
CA LEU A 969 29.13 -19.78 -6.23
C LEU A 969 29.12 -20.36 -4.83
N SER A 970 30.14 -21.16 -4.51
CA SER A 970 30.25 -21.72 -3.17
C SER A 970 30.45 -20.67 -2.09
N ALA A 971 31.65 -20.65 -1.52
CA ALA A 971 31.90 -19.71 -0.44
C ALA A 971 32.19 -18.39 -1.08
N ALA A 972 31.16 -17.57 -1.25
CA ALA A 972 31.35 -16.32 -1.98
C ALA A 972 32.06 -15.29 -1.11
N SER A 973 31.30 -14.72 -0.17
CA SER A 973 31.81 -13.77 0.81
C SER A 973 33.18 -14.16 1.39
N ASP A 974 33.45 -15.46 1.41
CA ASP A 974 34.70 -15.98 1.92
C ASP A 974 35.78 -16.07 0.89
N SER A 975 35.57 -15.53 -0.32
CA SER A 975 36.57 -15.72 -1.37
C SER A 975 37.00 -14.43 -2.08
N ILE A 976 36.39 -13.31 -1.71
CA ILE A 976 36.64 -12.02 -2.32
C ILE A 976 37.97 -11.42 -1.88
N SER A 977 39.07 -11.90 -2.44
CA SER A 977 40.39 -11.53 -1.93
C SER A 977 40.75 -10.05 -2.06
N LEU A 978 41.74 -9.64 -1.27
CA LEU A 978 42.14 -8.25 -1.23
C LEU A 978 42.69 -7.88 -2.59
N ALA A 979 43.37 -8.84 -3.21
CA ALA A 979 44.01 -8.61 -4.50
C ALA A 979 42.93 -8.12 -5.47
N LEU A 980 41.90 -8.94 -5.64
CA LEU A 980 40.78 -8.54 -6.47
C LEU A 980 40.23 -7.14 -6.13
N CYS A 981 39.93 -6.84 -4.88
CA CYS A 981 39.29 -5.55 -4.61
C CYS A 981 40.10 -4.39 -5.04
N GLU A 982 41.42 -4.50 -4.84
CA GLU A 982 42.32 -3.41 -5.18
C GLU A 982 42.32 -3.14 -6.70
N LEU A 983 42.73 -4.16 -7.46
CA LEU A 983 42.66 -4.17 -8.92
C LEU A 983 41.36 -3.61 -9.50
N LEU A 984 40.22 -3.74 -8.82
CA LEU A 984 38.93 -3.28 -9.38
C LEU A 984 38.39 -1.93 -8.88
N LEU A 985 38.67 -1.64 -7.61
CA LEU A 985 38.12 -0.44 -7.00
C LEU A 985 39.02 0.77 -7.19
N PRO A 986 38.42 1.96 -7.37
CA PRO A 986 39.13 3.22 -7.25
C PRO A 986 40.08 3.13 -6.07
N PRO A 987 41.24 3.80 -6.14
CA PRO A 987 42.07 3.71 -4.93
C PRO A 987 41.35 4.48 -3.83
N GLY A 988 40.73 5.59 -4.20
CA GLY A 988 39.84 6.30 -3.30
C GLY A 988 39.03 5.32 -2.48
N TRP A 989 38.21 4.49 -3.12
CA TRP A 989 37.35 3.55 -2.41
C TRP A 989 38.16 2.48 -1.69
N PHE A 990 39.10 1.86 -2.38
CA PHE A 990 39.79 0.71 -1.79
C PHE A 990 40.47 1.03 -0.49
N GLU A 991 40.50 2.31 -0.15
CA GLU A 991 41.09 2.73 1.10
C GLU A 991 40.01 2.70 2.18
N VAL A 992 39.01 3.57 2.03
CA VAL A 992 37.88 3.54 2.94
C VAL A 992 37.53 2.09 3.23
N LEU A 993 37.54 1.27 2.20
CA LEU A 993 37.29 -0.15 2.39
C LEU A 993 38.39 -0.82 3.19
N MET A 994 39.63 -0.39 2.99
CA MET A 994 40.70 -0.92 3.80
C MET A 994 40.58 -0.46 5.24
N ASP A 995 40.29 0.84 5.41
CA ASP A 995 40.07 1.44 6.72
C ASP A 995 39.07 0.63 7.55
N LEU A 996 37.83 0.59 7.04
CA LEU A 996 36.66 0.01 7.70
C LEU A 996 36.69 -1.51 7.94
N ARG A 997 37.44 -2.21 7.10
CA ARG A 997 37.75 -3.63 7.25
C ARG A 997 38.39 -4.05 8.60
N SER A 998 37.95 -5.17 9.15
CA SER A 998 38.72 -5.89 10.18
C SER A 998 39.74 -6.87 9.55
N PRO A 999 41.03 -6.64 9.83
CA PRO A 999 42.20 -7.28 9.21
C PRO A 999 42.74 -8.57 9.82
N LYS A 1000 42.44 -8.81 11.09
CA LYS A 1000 42.90 -10.03 11.76
C LYS A 1000 41.71 -10.68 12.43
N GLY A 1001 41.70 -12.02 12.48
CA GLY A 1001 40.63 -12.71 13.18
C GLY A 1001 41.05 -13.35 14.49
N ARG A 1002 40.18 -13.31 15.50
CA ARG A 1002 40.38 -14.19 16.66
C ARG A 1002 39.30 -15.26 16.83
N LEU A 1003 39.75 -16.49 16.99
CA LEU A 1003 38.85 -17.63 16.91
C LEU A 1003 38.39 -18.16 18.26
N PRO A 1004 37.42 -19.10 18.24
CA PRO A 1004 37.06 -19.74 19.50
C PRO A 1004 38.26 -20.57 19.91
N ASP A 1005 38.96 -21.06 18.89
CA ASP A 1005 40.15 -21.91 19.04
C ASP A 1005 41.35 -21.07 19.51
N GLY A 1006 41.04 -19.96 20.19
CA GLY A 1006 42.00 -19.07 20.83
C GLY A 1006 42.92 -18.28 19.91
N SER A 1007 43.23 -18.86 18.75
CA SER A 1007 44.27 -18.39 17.84
C SER A 1007 43.91 -17.14 17.06
N VAL A 1008 44.71 -16.90 16.01
CA VAL A 1008 44.64 -15.68 15.21
C VAL A 1008 44.68 -15.93 13.69
N VAL A 1009 44.10 -15.00 12.94
CA VAL A 1009 44.24 -15.00 11.49
C VAL A 1009 44.43 -13.58 11.00
N THR A 1010 45.27 -13.43 10.00
CA THR A 1010 45.35 -12.17 9.29
C THR A 1010 44.61 -12.44 7.98
N TYR A 1011 43.53 -11.72 7.77
CA TYR A 1011 42.63 -12.06 6.69
C TYR A 1011 43.26 -11.84 5.33
N GLU A 1012 43.17 -12.89 4.51
CA GLU A 1012 43.50 -12.88 3.10
C GLU A 1012 42.33 -12.33 2.31
N LYS A 1013 41.13 -12.77 2.70
CA LYS A 1013 39.90 -12.30 2.10
C LYS A 1013 39.68 -10.87 2.55
N ILE A 1014 39.16 -10.05 1.67
CA ILE A 1014 39.05 -8.65 1.99
C ILE A 1014 38.05 -8.46 3.11
N SER A 1015 37.27 -9.51 3.36
CA SER A 1015 36.05 -9.37 4.13
C SER A 1015 35.13 -10.58 3.91
N SER A 1016 34.34 -10.85 4.94
CA SER A 1016 33.44 -11.97 4.94
C SER A 1016 32.14 -11.42 5.44
N MET A 1017 31.10 -12.23 5.33
CA MET A 1017 29.78 -11.86 5.82
C MET A 1017 29.90 -11.46 7.26
N GLY A 1018 29.03 -10.58 7.70
CA GLY A 1018 29.10 -10.08 9.05
C GLY A 1018 29.48 -8.64 8.89
N ASN A 1019 30.37 -8.42 7.93
CA ASN A 1019 30.77 -7.09 7.55
C ASN A 1019 29.60 -6.27 7.00
N GLY A 1020 29.67 -4.95 7.13
CA GLY A 1020 28.51 -4.13 6.89
C GLY A 1020 28.34 -3.78 5.43
N TYR A 1021 29.27 -4.23 4.60
CA TYR A 1021 29.27 -3.90 3.17
C TYR A 1021 29.71 -5.07 2.32
N THR A 1022 29.89 -6.23 2.92
CA THR A 1022 30.47 -7.28 2.15
C THR A 1022 29.50 -7.79 1.08
N PHE A 1023 28.21 -7.54 1.30
CA PHE A 1023 27.15 -8.07 0.43
C PHE A 1023 26.95 -7.26 -0.84
N GLU A 1024 27.00 -5.94 -0.74
CA GLU A 1024 26.96 -5.11 -1.93
C GLU A 1024 28.29 -5.24 -2.63
N LEU A 1025 29.33 -5.47 -1.86
CA LEU A 1025 30.61 -5.58 -2.48
C LEU A 1025 30.64 -6.83 -3.35
N GLU A 1026 29.93 -7.86 -2.96
CA GLU A 1026 30.00 -9.02 -3.83
C GLU A 1026 29.10 -8.74 -5.00
N SER A 1027 27.93 -8.17 -4.72
CA SER A 1027 27.03 -7.86 -5.80
C SER A 1027 27.76 -7.08 -6.90
N LEU A 1028 28.24 -5.90 -6.54
CA LEU A 1028 29.09 -5.09 -7.41
C LEU A 1028 30.21 -5.85 -8.11
N ILE A 1029 31.09 -6.48 -7.35
CA ILE A 1029 32.18 -7.20 -7.96
C ILE A 1029 31.64 -8.18 -8.99
N PHE A 1030 30.59 -8.92 -8.62
CA PHE A 1030 30.05 -9.97 -9.49
C PHE A 1030 29.36 -9.45 -10.74
N ALA A 1031 28.52 -8.43 -10.56
CA ALA A 1031 27.80 -7.81 -11.66
C ALA A 1031 28.77 -7.26 -12.68
N SER A 1032 29.69 -6.41 -12.22
CA SER A 1032 30.68 -5.79 -13.07
C SER A 1032 31.44 -6.86 -13.82
N LEU A 1033 32.01 -7.80 -13.09
CA LEU A 1033 32.67 -8.92 -13.75
C LEU A 1033 31.80 -9.53 -14.85
N ALA A 1034 30.50 -9.63 -14.60
CA ALA A 1034 29.65 -10.37 -15.53
C ALA A 1034 29.34 -9.51 -16.73
N ARG A 1035 28.97 -8.25 -16.51
CA ARG A 1035 28.81 -7.32 -17.60
C ARG A 1035 30.01 -7.27 -18.55
N SER A 1036 31.23 -7.22 -18.01
CA SER A 1036 32.42 -7.33 -18.84
C SER A 1036 32.50 -8.63 -19.63
N VAL A 1037 31.86 -9.70 -19.14
CA VAL A 1037 31.84 -10.93 -19.90
C VAL A 1037 30.87 -10.73 -21.04
N CYS A 1038 29.76 -10.10 -20.72
CA CYS A 1038 28.78 -9.69 -21.71
C CYS A 1038 29.32 -8.81 -22.83
N GLU A 1039 30.00 -7.73 -22.47
CA GLU A 1039 30.59 -6.86 -23.48
C GLU A 1039 31.58 -7.63 -24.35
N ILE A 1040 32.42 -8.46 -23.77
CA ILE A 1040 33.33 -9.24 -24.61
C ILE A 1040 32.60 -10.17 -25.58
N LEU A 1041 31.31 -10.40 -25.39
CA LEU A 1041 30.60 -11.36 -26.24
C LEU A 1041 29.52 -10.77 -27.18
N ASP A 1042 29.43 -9.45 -27.24
CA ASP A 1042 28.34 -8.76 -27.93
C ASP A 1042 27.01 -9.04 -27.26
N LEU A 1043 27.09 -9.75 -26.14
CA LEU A 1043 25.97 -9.90 -25.24
C LEU A 1043 25.45 -8.59 -24.63
N ASP A 1044 24.17 -8.54 -24.34
CA ASP A 1044 23.61 -7.33 -23.75
C ASP A 1044 23.82 -7.27 -22.21
N SER A 1045 24.64 -6.33 -21.75
CA SER A 1045 24.89 -6.19 -20.33
C SER A 1045 23.61 -6.01 -19.51
N SER A 1046 22.57 -5.41 -20.08
CA SER A 1046 21.23 -5.34 -19.43
C SER A 1046 20.76 -6.70 -18.93
N GLU A 1047 21.36 -7.77 -19.44
CA GLU A 1047 20.93 -9.14 -19.12
C GLU A 1047 21.53 -9.69 -17.81
N VAL A 1048 22.56 -9.01 -17.29
CA VAL A 1048 23.13 -9.34 -15.97
C VAL A 1048 22.32 -8.74 -14.84
N THR A 1049 21.86 -9.62 -13.96
CA THR A 1049 21.22 -9.19 -12.76
C THR A 1049 21.80 -10.00 -11.58
N VAL A 1050 22.11 -9.31 -10.48
CA VAL A 1050 22.75 -9.95 -9.35
C VAL A 1050 22.21 -9.56 -7.95
N TYR A 1051 22.19 -10.54 -7.04
CA TYR A 1051 21.79 -10.36 -5.66
C TYR A 1051 22.75 -11.19 -4.83
N GLY A 1052 23.64 -10.51 -4.12
CA GLY A 1052 24.63 -11.25 -3.37
C GLY A 1052 25.38 -12.07 -4.36
N ASP A 1053 25.39 -13.37 -4.21
CA ASP A 1053 26.15 -14.19 -5.14
C ASP A 1053 25.17 -15.00 -5.97
N ASP A 1054 23.96 -14.46 -6.06
CA ASP A 1054 22.94 -15.07 -6.88
C ASP A 1054 22.98 -14.36 -8.19
N ILE A 1055 23.78 -14.88 -9.11
CA ILE A 1055 24.01 -14.25 -10.40
C ILE A 1055 23.10 -14.80 -11.49
N ILE A 1056 22.46 -13.88 -12.24
CA ILE A 1056 21.70 -14.24 -13.43
C ILE A 1056 22.20 -13.48 -14.66
N LEU A 1057 22.36 -14.17 -15.79
CA LEU A 1057 22.97 -13.58 -16.99
C LEU A 1057 22.83 -14.54 -18.16
N PRO A 1058 22.73 -14.01 -19.38
CA PRO A 1058 22.69 -14.74 -20.64
C PRO A 1058 23.48 -16.05 -20.67
N SER A 1059 22.86 -17.13 -21.12
CA SER A 1059 23.36 -18.49 -20.87
C SER A 1059 24.69 -18.78 -21.52
N CYS A 1060 25.00 -18.08 -22.61
CA CYS A 1060 26.24 -18.29 -23.37
C CYS A 1060 27.48 -17.69 -22.71
N ALA A 1061 27.26 -16.73 -21.79
CA ALA A 1061 28.35 -16.13 -21.03
C ALA A 1061 28.90 -17.15 -20.04
N VAL A 1062 27.99 -17.87 -19.40
CA VAL A 1062 28.36 -18.82 -18.35
C VAL A 1062 29.70 -19.56 -18.53
N PRO A 1063 30.02 -20.01 -19.75
CA PRO A 1063 31.32 -20.69 -19.82
C PRO A 1063 32.52 -19.72 -19.73
N ALA A 1064 32.41 -18.54 -20.33
CA ALA A 1064 33.37 -17.44 -20.17
C ALA A 1064 33.47 -16.99 -18.72
N LEU A 1065 32.32 -16.61 -18.17
CA LEU A 1065 32.15 -16.28 -16.76
C LEU A 1065 32.78 -17.29 -15.85
N ARG A 1066 32.59 -18.56 -16.17
CA ARG A 1066 33.18 -19.64 -15.41
C ARG A 1066 34.71 -19.54 -15.36
N GLU A 1067 35.30 -19.34 -16.54
CA GLU A 1067 36.74 -19.25 -16.74
C GLU A 1067 37.29 -18.00 -16.09
N VAL A 1068 36.55 -16.89 -16.22
CA VAL A 1068 36.90 -15.68 -15.51
C VAL A 1068 36.92 -15.97 -14.01
N PHE A 1069 35.77 -16.37 -13.48
CA PHE A 1069 35.66 -16.62 -12.06
C PHE A 1069 36.80 -17.45 -11.54
N LYS A 1070 37.03 -18.63 -12.12
CA LYS A 1070 38.21 -19.43 -11.74
C LYS A 1070 39.48 -18.59 -11.55
N TYR A 1071 39.73 -17.63 -12.45
CA TYR A 1071 40.93 -16.80 -12.40
C TYR A 1071 41.00 -15.89 -11.18
N VAL A 1072 39.96 -15.08 -10.98
CA VAL A 1072 39.97 -14.04 -9.96
C VAL A 1072 39.59 -14.52 -8.56
N GLY A 1073 39.78 -15.81 -8.28
CA GLY A 1073 39.49 -16.37 -6.97
C GLY A 1073 38.28 -17.29 -6.88
N PHE A 1074 37.08 -16.69 -6.92
CA PHE A 1074 35.81 -17.40 -6.88
C PHE A 1074 35.79 -18.79 -7.49
N THR A 1075 34.99 -19.65 -6.86
CA THR A 1075 34.88 -21.04 -7.26
C THR A 1075 33.41 -21.39 -7.46
N THR A 1076 33.11 -21.79 -8.68
CA THR A 1076 31.76 -21.79 -9.19
C THR A 1076 31.18 -23.17 -9.03
N ASN A 1077 30.00 -23.27 -8.43
CA ASN A 1077 29.43 -24.57 -8.12
C ASN A 1077 28.59 -25.13 -9.25
N THR A 1078 29.17 -26.07 -10.01
CA THR A 1078 28.49 -26.60 -11.20
C THR A 1078 27.16 -27.23 -10.84
N LYS A 1079 27.14 -28.00 -9.75
CA LYS A 1079 25.95 -28.73 -9.35
C LYS A 1079 24.71 -27.83 -9.20
N LYS A 1080 24.90 -26.56 -8.86
CA LYS A 1080 23.76 -25.71 -8.59
C LYS A 1080 23.66 -24.54 -9.55
N THR A 1081 24.56 -24.49 -10.52
CA THR A 1081 24.45 -23.47 -11.58
C THR A 1081 23.89 -24.10 -12.83
N PHE A 1082 22.80 -23.51 -13.32
CA PHE A 1082 22.00 -24.11 -14.38
C PHE A 1082 21.94 -23.26 -15.61
N SER A 1083 22.61 -23.70 -16.66
CA SER A 1083 22.63 -22.91 -17.87
C SER A 1083 21.93 -23.66 -19.04
N GLU A 1084 21.18 -24.71 -18.69
CA GLU A 1084 20.52 -25.50 -19.71
C GLU A 1084 19.42 -26.46 -19.31
N GLY A 1085 19.16 -26.65 -18.02
CA GLY A 1085 18.12 -27.59 -17.66
C GLY A 1085 16.76 -27.21 -18.26
N PRO A 1086 15.70 -27.91 -17.84
CA PRO A 1086 14.39 -27.25 -17.77
C PRO A 1086 14.27 -26.53 -16.43
N PHE A 1087 15.26 -26.68 -15.56
CA PHE A 1087 15.20 -26.14 -14.22
C PHE A 1087 16.18 -25.00 -13.99
N ARG A 1088 15.68 -23.96 -13.30
CA ARG A 1088 16.48 -22.85 -12.77
C ARG A 1088 15.99 -22.51 -11.35
N GLU A 1089 16.87 -22.01 -10.49
CA GLU A 1089 16.53 -21.58 -9.13
C GLU A 1089 17.10 -20.20 -8.87
N SER A 1090 16.38 -19.36 -8.16
CA SER A 1090 17.00 -18.10 -7.79
C SER A 1090 16.31 -17.30 -6.71
N CYS A 1091 17.02 -17.15 -5.59
CA CYS A 1091 16.54 -16.35 -4.47
C CYS A 1091 15.36 -17.04 -3.89
N GLY A 1092 15.54 -18.33 -3.60
CA GLY A 1092 14.58 -19.10 -2.84
C GLY A 1092 13.44 -19.70 -3.64
N LYS A 1093 13.10 -19.06 -4.75
CA LYS A 1093 12.16 -19.62 -5.72
C LYS A 1093 12.87 -20.62 -6.67
N HIS A 1094 12.23 -21.76 -6.91
CA HIS A 1094 12.76 -22.76 -7.84
C HIS A 1094 11.78 -22.99 -8.96
N TYR A 1095 12.25 -23.13 -10.19
CA TYR A 1095 11.30 -23.41 -11.25
C TYR A 1095 11.65 -24.57 -12.18
N TYR A 1096 10.60 -25.21 -12.66
CA TYR A 1096 10.68 -26.23 -13.69
C TYR A 1096 9.70 -25.85 -14.80
N SER A 1097 10.23 -25.34 -15.90
CA SER A 1097 9.46 -25.04 -17.09
C SER A 1097 8.33 -24.06 -16.81
N GLY A 1098 8.56 -23.13 -15.91
CA GLY A 1098 7.58 -22.11 -15.64
C GLY A 1098 6.73 -22.51 -14.46
N VAL A 1099 6.75 -23.81 -14.14
CA VAL A 1099 5.98 -24.25 -12.97
C VAL A 1099 6.81 -24.18 -11.70
N ASP A 1100 6.21 -23.52 -10.70
CA ASP A 1100 6.88 -23.29 -9.43
C ASP A 1100 7.21 -24.61 -8.74
N VAL A 1101 8.48 -24.93 -8.50
CA VAL A 1101 8.78 -26.19 -7.86
C VAL A 1101 9.59 -25.99 -6.59
N THR A 1102 9.48 -24.78 -6.07
CA THR A 1102 10.17 -24.43 -4.84
C THR A 1102 9.62 -25.30 -3.72
N PRO A 1103 10.50 -25.99 -3.00
CA PRO A 1103 10.11 -26.88 -1.92
C PRO A 1103 9.98 -26.19 -0.58
N PHE A 1104 9.74 -26.98 0.46
CA PHE A 1104 9.85 -26.57 1.85
C PHE A 1104 10.83 -27.46 2.60
N TYR A 1105 11.35 -26.95 3.72
CA TYR A 1105 12.40 -27.61 4.51
C TYR A 1105 11.95 -27.85 5.94
N ILE A 1106 12.38 -28.95 6.52
CA ILE A 1106 12.16 -29.16 7.94
C ILE A 1106 13.52 -29.03 8.56
N ARG A 1107 13.75 -27.90 9.20
CA ARG A 1107 15.08 -27.57 9.62
C ARG A 1107 15.37 -28.19 10.96
N HIS A 1108 14.44 -28.05 11.91
CA HIS A 1108 14.73 -28.52 13.26
C HIS A 1108 13.92 -29.74 13.64
N ARG A 1109 14.33 -30.40 14.73
CA ARG A 1109 13.50 -31.41 15.35
C ARG A 1109 12.15 -30.83 15.72
N ILE A 1110 11.10 -31.57 15.39
CA ILE A 1110 9.79 -31.06 15.71
C ILE A 1110 9.30 -31.56 17.07
N VAL A 1111 8.87 -30.60 17.88
CA VAL A 1111 8.65 -30.82 19.31
C VAL A 1111 7.54 -29.95 19.86
N SER A 1112 7.34 -28.75 19.33
CA SER A 1112 6.19 -27.99 19.82
C SER A 1112 4.93 -28.05 18.95
N PRO A 1113 3.76 -27.87 19.55
CA PRO A 1113 2.64 -27.67 18.64
C PRO A 1113 2.93 -26.47 17.69
N ALA A 1114 3.61 -25.48 18.23
CA ALA A 1114 4.15 -24.41 17.40
C ALA A 1114 4.99 -24.94 16.23
N ASP A 1115 5.86 -25.91 16.52
CA ASP A 1115 6.80 -26.46 15.53
C ASP A 1115 6.04 -27.22 14.50
N LEU A 1116 5.02 -27.92 14.92
CA LEU A 1116 4.33 -28.80 14.00
C LEU A 1116 3.37 -27.97 13.16
N ILE A 1117 2.63 -27.08 13.79
CA ILE A 1117 1.78 -26.22 13.01
C ILE A 1117 2.57 -25.64 11.85
N LEU A 1118 3.85 -25.34 12.09
CA LEU A 1118 4.69 -24.80 11.02
C LEU A 1118 4.80 -25.77 9.86
N VAL A 1119 5.44 -26.90 10.08
CA VAL A 1119 5.54 -27.93 9.06
C VAL A 1119 4.22 -28.17 8.32
N LEU A 1120 3.12 -28.24 9.06
CA LEU A 1120 1.84 -28.47 8.40
C LEU A 1120 1.42 -27.31 7.51
N ASN A 1121 1.86 -26.10 7.82
CA ASN A 1121 1.57 -25.01 6.92
C ASN A 1121 2.45 -25.00 5.68
N ASN A 1122 3.74 -25.23 5.85
CA ASN A 1122 4.62 -25.43 4.71
C ASN A 1122 4.18 -26.61 3.86
N LEU A 1123 3.58 -27.62 4.47
CA LEU A 1123 3.04 -28.66 3.61
C LEU A 1123 1.83 -28.14 2.87
N TYR A 1124 1.00 -27.42 3.61
CA TYR A 1124 -0.21 -26.86 3.04
C TYR A 1124 0.12 -25.97 1.87
N ARG A 1125 1.09 -25.09 2.06
CA ARG A 1125 1.37 -24.08 1.04
C ARG A 1125 1.89 -24.69 -0.24
N TRP A 1126 2.73 -25.71 -0.08
CA TRP A 1126 3.35 -26.44 -1.14
C TRP A 1126 2.40 -27.34 -1.91
N ALA A 1127 1.26 -27.71 -1.34
CA ALA A 1127 0.34 -28.62 -2.07
C ALA A 1127 -1.08 -28.10 -2.33
N THR A 1128 -1.33 -26.87 -1.96
CA THR A 1128 -2.59 -26.24 -2.20
C THR A 1128 -2.49 -25.38 -3.45
N ILE A 1129 -3.62 -25.15 -4.10
CA ILE A 1129 -3.72 -24.20 -5.21
C ILE A 1129 -5.04 -23.49 -5.05
N ASP A 1130 -5.02 -22.34 -4.40
CA ASP A 1130 -6.24 -21.66 -3.95
C ASP A 1130 -7.09 -22.56 -3.04
N GLY A 1131 -6.66 -22.71 -1.79
CA GLY A 1131 -7.40 -23.49 -0.81
C GLY A 1131 -7.80 -24.92 -1.19
N VAL A 1132 -7.40 -25.38 -2.38
CA VAL A 1132 -7.77 -26.73 -2.83
C VAL A 1132 -6.60 -27.69 -2.77
N TRP A 1133 -6.78 -28.81 -2.08
CA TRP A 1133 -5.68 -29.72 -1.84
C TRP A 1133 -5.44 -30.66 -2.97
N ASP A 1134 -4.17 -30.97 -3.20
CA ASP A 1134 -3.81 -32.17 -3.91
C ASP A 1134 -4.18 -33.35 -2.98
N PRO A 1135 -5.03 -34.28 -3.44
CA PRO A 1135 -5.42 -35.41 -2.59
C PRO A 1135 -4.25 -36.13 -1.91
N ARG A 1136 -3.17 -36.30 -2.65
CA ARG A 1136 -2.12 -37.19 -2.20
C ARG A 1136 -1.42 -36.68 -0.95
N ALA A 1137 -1.50 -35.38 -0.73
CA ALA A 1137 -0.80 -34.81 0.39
C ALA A 1137 -1.78 -34.55 1.49
N HIS A 1138 -3.01 -34.20 1.10
CA HIS A 1138 -4.06 -33.85 2.07
C HIS A 1138 -4.20 -34.96 3.07
N SER A 1139 -4.03 -36.18 2.57
CA SER A 1139 -3.97 -37.39 3.38
C SER A 1139 -2.89 -37.31 4.45
N VAL A 1140 -1.64 -37.12 4.04
CA VAL A 1140 -0.54 -37.03 4.99
C VAL A 1140 -0.68 -35.84 5.90
N TYR A 1141 -1.22 -34.73 5.40
CA TYR A 1141 -1.51 -33.59 6.25
C TYR A 1141 -2.49 -33.98 7.31
N LEU A 1142 -3.65 -34.47 6.88
CA LEU A 1142 -4.72 -34.87 7.80
C LEU A 1142 -4.28 -35.82 8.90
N LYS A 1143 -3.49 -36.81 8.49
CA LYS A 1143 -2.93 -37.74 9.44
C LYS A 1143 -2.22 -37.01 10.56
N TYR A 1144 -1.22 -36.22 10.19
CA TYR A 1144 -0.39 -35.59 11.20
C TYR A 1144 -1.07 -34.48 11.99
N ARG A 1145 -2.07 -33.82 11.41
CA ARG A 1145 -2.84 -32.82 12.16
C ARG A 1145 -3.30 -33.38 13.51
N LYS A 1146 -3.37 -34.70 13.60
CA LYS A 1146 -4.04 -35.34 14.73
C LYS A 1146 -3.10 -35.44 15.88
N LEU A 1147 -1.84 -35.07 15.65
CA LEU A 1147 -0.84 -35.12 16.69
C LEU A 1147 -0.98 -33.91 17.62
N LEU A 1148 -1.63 -32.85 17.12
CA LEU A 1148 -1.87 -31.66 17.94
C LEU A 1148 -3.05 -31.77 18.88
N PRO A 1149 -2.94 -31.08 20.03
CA PRO A 1149 -4.06 -30.72 20.90
C PRO A 1149 -5.32 -30.40 20.14
N LYS A 1150 -6.41 -31.03 20.55
CA LYS A 1150 -7.69 -30.83 19.91
C LYS A 1150 -7.99 -29.35 19.60
N GLN A 1151 -8.01 -28.49 20.61
CA GLN A 1151 -8.37 -27.10 20.38
C GLN A 1151 -7.58 -26.54 19.20
N LEU A 1152 -6.33 -27.01 19.08
CA LEU A 1152 -5.38 -26.48 18.13
C LEU A 1152 -5.53 -27.09 16.73
N GLN A 1153 -6.30 -28.15 16.62
CA GLN A 1153 -6.56 -28.76 15.33
C GLN A 1153 -7.63 -28.00 14.58
N ARG A 1154 -8.40 -27.22 15.28
CA ARG A 1154 -9.53 -26.55 14.68
C ARG A 1154 -9.32 -25.04 14.69
N ASN A 1155 -8.24 -24.59 15.31
CA ASN A 1155 -7.90 -23.17 15.32
C ASN A 1155 -7.09 -22.77 14.11
N THR A 1156 -7.79 -22.23 13.10
CA THR A 1156 -7.23 -21.95 11.77
C THR A 1156 -7.21 -20.46 11.40
N ILE A 1157 -6.24 -20.08 10.59
CA ILE A 1157 -6.11 -18.71 10.09
C ILE A 1157 -5.98 -18.70 8.56
N PRO A 1158 -6.18 -17.51 7.96
CA PRO A 1158 -5.96 -17.30 6.53
C PRO A 1158 -4.47 -17.31 6.25
N ASP A 1159 -4.06 -17.20 4.99
CA ASP A 1159 -2.63 -17.25 4.72
C ASP A 1159 -2.13 -15.82 4.74
N GLY A 1160 -0.81 -15.65 4.89
CA GLY A 1160 -0.21 -14.33 5.07
C GLY A 1160 -0.37 -13.82 6.49
N TYR A 1161 -0.74 -14.69 7.41
CA TYR A 1161 -0.85 -14.25 8.79
C TYR A 1161 0.12 -14.96 9.72
N GLY A 1162 1.07 -15.70 9.15
CA GLY A 1162 2.13 -16.27 9.95
C GLY A 1162 1.86 -17.72 10.20
N ASP A 1163 2.46 -18.26 11.24
CA ASP A 1163 2.38 -19.71 11.47
C ASP A 1163 2.00 -20.02 12.94
N GLY A 1164 1.27 -19.08 13.54
CA GLY A 1164 0.85 -19.25 14.92
C GLY A 1164 -0.44 -20.06 14.99
N ALA A 1165 -0.79 -20.69 13.87
CA ALA A 1165 -2.07 -21.35 13.73
C ALA A 1165 -2.14 -22.05 12.38
N LEU A 1166 -2.93 -23.11 12.29
CA LEU A 1166 -3.05 -23.82 11.04
C LEU A 1166 -3.76 -22.93 10.02
N VAL A 1167 -3.21 -22.82 8.83
CA VAL A 1167 -3.88 -22.11 7.74
C VAL A 1167 -5.00 -22.97 7.18
N GLY A 1168 -6.19 -22.38 7.08
CA GLY A 1168 -7.41 -23.06 6.66
C GLY A 1168 -8.48 -21.98 6.55
N SER A 1169 -9.75 -22.35 6.72
CA SER A 1169 -10.81 -21.33 6.71
C SER A 1169 -11.04 -20.75 8.09
N VAL A 1170 -11.06 -19.43 8.18
CA VAL A 1170 -11.28 -18.78 9.48
C VAL A 1170 -12.77 -18.56 9.82
N LEU A 1171 -13.64 -19.19 9.04
CA LEU A 1171 -15.09 -19.09 9.27
C LEU A 1171 -15.60 -20.35 9.97
N ILE A 1172 -14.86 -21.42 9.74
CA ILE A 1172 -15.04 -22.69 10.43
C ILE A 1172 -14.44 -22.59 11.85
N ASN A 1173 -13.62 -21.55 12.08
CA ASN A 1173 -12.88 -21.39 13.32
C ASN A 1173 -13.81 -20.97 14.43
N PRO A 1174 -13.95 -21.84 15.45
CA PRO A 1174 -14.85 -21.84 16.61
C PRO A 1174 -14.34 -20.96 17.71
N PHE A 1175 -13.17 -20.39 17.47
CA PHE A 1175 -12.48 -19.57 18.45
C PHE A 1175 -12.44 -18.18 17.94
N ALA A 1176 -12.94 -17.99 16.72
CA ALA A 1176 -12.86 -16.72 16.06
C ALA A 1176 -13.75 -15.64 16.74
N LYS A 1177 -13.45 -15.30 17.98
CA LYS A 1177 -14.23 -14.29 18.69
C LYS A 1177 -14.39 -13.02 17.85
N ASN A 1178 -15.41 -12.97 16.99
CA ASN A 1178 -15.79 -11.71 16.35
C ASN A 1178 -16.16 -10.68 17.43
N ARG A 1179 -15.90 -9.40 17.17
CA ARG A 1179 -16.00 -8.43 18.25
C ARG A 1179 -15.97 -7.02 17.71
N GLY A 1180 -17.14 -6.45 17.46
CA GLY A 1180 -17.26 -5.08 16.99
C GLY A 1180 -17.12 -5.01 15.48
N TRP A 1181 -17.48 -6.11 14.84
CA TRP A 1181 -17.54 -6.16 13.38
C TRP A 1181 -16.20 -6.51 12.78
N ILE A 1182 -15.29 -6.92 13.66
CA ILE A 1182 -13.96 -7.30 13.25
C ILE A 1182 -13.48 -8.58 13.94
N ARG A 1183 -13.11 -9.56 13.12
CA ARG A 1183 -12.77 -10.89 13.59
C ARG A 1183 -11.41 -10.97 14.24
N TYR A 1184 -11.37 -11.37 15.52
CA TYR A 1184 -10.12 -11.60 16.21
C TYR A 1184 -9.87 -13.08 16.43
N VAL A 1185 -8.72 -13.53 15.99
CA VAL A 1185 -8.43 -14.91 16.05
C VAL A 1185 -7.18 -15.04 16.92
N PRO A 1186 -7.10 -16.08 17.75
CA PRO A 1186 -5.94 -16.26 18.64
C PRO A 1186 -4.83 -17.04 17.95
N VAL A 1187 -3.58 -16.65 18.20
CA VAL A 1187 -2.46 -17.36 17.61
C VAL A 1187 -1.33 -17.48 18.58
N ILE A 1188 -0.52 -18.52 18.40
CA ILE A 1188 0.60 -18.80 19.26
C ILE A 1188 1.82 -17.90 19.00
N THR A 1189 2.20 -17.10 19.99
CA THR A 1189 3.40 -16.26 19.89
C THR A 1189 4.55 -16.84 20.73
N ASP A 1190 5.76 -16.31 20.57
CA ASP A 1190 6.86 -16.73 21.43
C ASP A 1190 6.86 -15.84 22.66
N HIS A 1191 6.38 -16.36 23.77
CA HIS A 1191 6.20 -15.61 25.01
C HIS A 1191 7.48 -14.94 25.42
N THR A 1192 7.41 -13.66 25.78
CA THR A 1192 8.61 -12.92 26.15
C THR A 1192 8.42 -12.13 27.45
N ARG A 1193 9.50 -12.01 28.23
CA ARG A 1193 9.52 -11.19 29.45
C ARG A 1193 10.14 -9.82 29.15
N ASP A 1194 9.41 -8.75 29.46
CA ASP A 1194 9.89 -7.38 29.26
C ASP A 1194 11.22 -7.14 29.98
N ARG A 1195 12.00 -6.20 29.48
CA ARG A 1195 13.37 -5.99 29.96
C ARG A 1195 13.79 -4.53 29.96
N GLU A 1196 14.76 -4.22 30.81
CA GLU A 1196 15.18 -2.83 31.02
C GLU A 1196 15.94 -2.31 29.81
N ARG A 1197 15.52 -1.15 29.31
CA ARG A 1197 16.16 -0.56 28.13
C ARG A 1197 17.13 0.53 28.54
N ALA A 1198 18.12 0.76 27.69
CA ALA A 1198 19.14 1.77 27.93
C ALA A 1198 18.65 3.15 27.54
N GLU A 1199 18.08 3.87 28.49
CA GLU A 1199 17.46 5.18 28.25
C GLU A 1199 18.27 6.15 27.37
N LEU A 1200 19.58 6.24 27.59
CA LEU A 1200 20.39 7.13 26.74
C LEU A 1200 20.61 6.51 25.35
N GLY A 1201 21.25 5.35 25.30
CA GLY A 1201 21.40 4.62 24.05
C GLY A 1201 20.11 4.55 23.26
N SER A 1202 19.00 4.32 23.94
CA SER A 1202 17.70 4.26 23.29
C SER A 1202 17.34 5.64 22.77
N TYR A 1203 17.87 6.66 23.40
CA TYR A 1203 17.48 8.04 23.10
C TYR A 1203 18.32 8.63 21.99
N LEU A 1204 19.60 8.27 21.97
CA LEU A 1204 20.47 8.68 20.89
C LEU A 1204 19.93 7.97 19.67
N TYR A 1205 19.75 6.67 19.81
CA TYR A 1205 19.23 5.86 18.72
C TYR A 1205 18.03 6.57 18.12
N ASP A 1206 17.17 7.09 18.98
CA ASP A 1206 16.01 7.89 18.55
C ASP A 1206 16.36 9.14 17.76
N LEU A 1207 17.22 10.01 18.31
CA LEU A 1207 17.60 11.25 17.63
C LEU A 1207 18.45 11.04 16.38
N PHE A 1208 19.31 10.04 16.43
CA PHE A 1208 20.19 9.73 15.32
C PHE A 1208 19.40 9.26 14.12
N SER A 1209 18.25 8.66 14.39
CA SER A 1209 17.33 8.20 13.35
C SER A 1209 16.56 9.35 12.68
N ARG A 1210 16.05 10.27 13.49
CA ARG A 1210 15.39 11.47 12.98
C ARG A 1210 16.37 12.25 12.13
N CYS A 1211 17.61 12.34 12.59
CA CYS A 1211 18.67 12.88 11.75
C CYS A 1211 18.70 12.09 10.44
N LEU A 1212 18.99 10.78 10.53
CA LEU A 1212 19.10 9.91 9.36
C LEU A 1212 18.07 10.17 8.27
N SER A 1213 16.82 10.37 8.69
CA SER A 1213 15.70 10.50 7.77
C SER A 1213 15.64 11.84 7.04
N GLU A 1214 16.17 12.88 7.67
CA GLU A 1214 16.23 14.21 7.05
C GLU A 1214 17.21 14.33 5.86
N SER A 1215 18.47 13.93 6.08
CA SER A 1215 19.52 14.00 5.06
C SER A 1215 19.49 12.83 4.06
N ASN A 1216 18.30 12.26 3.88
CA ASN A 1216 18.06 11.16 2.92
C ASN A 1216 16.57 10.97 2.60
N ALA A 1234 -5.50 6.54 -3.61
CA ALA A 1234 -5.55 7.10 -2.26
C ALA A 1234 -4.41 6.61 -1.37
N ILE A 1235 -3.35 7.41 -1.33
CA ILE A 1235 -2.16 7.11 -0.55
C ILE A 1235 -2.07 8.07 0.65
N ASP A 1236 -2.04 7.51 1.86
CA ASP A 1236 -2.14 8.33 3.08
C ASP A 1236 -1.50 7.71 4.33
N GLN A 1237 -0.49 6.85 4.14
CA GLN A 1237 0.25 6.24 5.25
C GLN A 1237 1.04 7.27 6.08
N LEU A 1238 1.10 8.51 5.61
CA LEU A 1238 1.85 9.58 6.28
C LEU A 1238 1.53 9.65 7.78
N ILE A 1239 0.27 9.34 8.11
CA ILE A 1239 -0.21 9.37 9.48
C ILE A 1239 0.11 8.05 10.22
N CYS A 1240 1.39 7.63 10.17
CA CYS A 1240 1.88 6.41 10.86
C CYS A 1240 3.41 6.44 11.05
N ARG A 1241 3.86 6.81 12.25
CA ARG A 1241 5.31 6.95 12.53
C ARG A 1241 6.10 5.61 12.64
N SER A 1242 7.17 5.63 13.45
CA SER A 1242 7.98 4.44 13.73
C SER A 1242 8.23 4.27 15.23
N ASN A 1243 8.27 3.01 15.70
CA ASN A 1243 8.12 2.63 17.14
C ASN A 1243 9.19 3.00 18.19
N PRO A 1244 8.74 3.18 19.45
CA PRO A 1244 9.58 3.41 20.64
C PRO A 1244 10.40 2.18 20.97
N THR A 1245 11.65 2.37 21.35
CA THR A 1245 12.54 1.23 21.60
C THR A 1245 12.23 0.52 22.91
N LYS A 1246 11.73 -0.71 22.81
CA LYS A 1246 11.48 -1.53 23.98
C LYS A 1246 12.27 -2.83 23.81
N ILE A 1247 12.65 -3.45 24.92
CA ILE A 1247 13.47 -4.65 24.86
C ILE A 1247 12.79 -5.83 25.53
N SER A 1248 13.05 -7.04 25.03
CA SER A 1248 12.47 -8.23 25.64
C SER A 1248 13.30 -9.49 25.45
N ARG A 1249 13.53 -10.17 26.56
CA ARG A 1249 14.19 -11.46 26.60
C ARG A 1249 13.17 -12.50 26.16
N SER A 1250 13.54 -13.34 25.19
CA SER A 1250 12.67 -14.44 24.79
C SER A 1250 12.79 -15.57 25.83
N THR A 1251 11.66 -16.03 26.36
CA THR A 1251 11.61 -17.22 27.19
C THR A 1251 11.23 -18.44 26.34
N GLY A 1252 11.33 -19.64 26.90
CA GLY A 1252 11.02 -20.86 26.16
C GLY A 1252 9.52 -21.22 26.04
N LYS A 1253 8.68 -20.43 26.69
CA LYS A 1253 7.24 -20.67 26.68
C LYS A 1253 6.56 -20.00 25.48
N PHE A 1254 5.30 -20.35 25.23
CA PHE A 1254 4.47 -19.66 24.24
C PHE A 1254 3.34 -18.92 24.89
N ASP A 1255 2.83 -17.92 24.20
CA ASP A 1255 1.69 -17.17 24.68
C ASP A 1255 0.64 -17.18 23.57
N ILE A 1256 -0.58 -16.75 23.88
CA ILE A 1256 -1.62 -16.63 22.86
C ILE A 1256 -1.94 -15.18 22.67
N GLN A 1257 -1.85 -14.72 21.43
CA GLN A 1257 -2.16 -13.35 21.14
C GLN A 1257 -3.33 -13.30 20.20
N TYR A 1258 -4.34 -12.50 20.54
CA TYR A 1258 -5.44 -12.31 19.62
C TYR A 1258 -5.07 -11.26 18.59
N ILE A 1259 -5.42 -11.53 17.33
CA ILE A 1259 -5.06 -10.66 16.21
C ILE A 1259 -6.25 -10.50 15.28
N ALA A 1260 -6.20 -9.53 14.38
CA ALA A 1260 -7.32 -9.23 13.50
C ALA A 1260 -7.16 -9.93 12.16
N CYS A 1261 -8.21 -10.59 11.67
CA CYS A 1261 -8.18 -11.26 10.37
C CYS A 1261 -9.32 -10.83 9.47
N SER A 1262 -9.23 -11.27 8.22
CA SER A 1262 -10.20 -10.95 7.17
C SER A 1262 -10.62 -12.23 6.46
N SER A 1263 -11.92 -12.34 6.18
CA SER A 1263 -12.52 -13.56 5.63
C SER A 1263 -11.73 -14.23 4.47
N ARG A 1264 -11.22 -13.44 3.52
CA ARG A 1264 -10.45 -13.97 2.40
C ARG A 1264 -8.99 -13.47 2.40
CA CA D . 26.34 -21.47 -2.58
CA CA E . 21.98 -19.30 -5.66
#